data_1OFU
#
_entry.id   1OFU
#
_cell.length_a   55.590
_cell.length_b   75.410
_cell.length_c   241.040
_cell.angle_alpha   90.00
_cell.angle_beta   90.00
_cell.angle_gamma   90.00
#
_symmetry.space_group_name_H-M   'P 21 21 21'
#
loop_
_entity.id
_entity.type
_entity.pdbx_description
1 polymer 'CELL DIVISION PROTEIN FTSZ'
2 polymer 'HYPOTHETICAL PROTEIN PA3008'
3 non-polymer "GUANOSINE-5'-DIPHOSPHATE"
4 water water
#
loop_
_entity_poly.entity_id
_entity_poly.type
_entity_poly.pdbx_seq_one_letter_code
_entity_poly.pdbx_strand_id
1 'polypeptide(L)'
;MFELVDNIAQTAVIKVIGVGGGGGNAVNHMAKNNVEGVEFICANTDAQALKNIAARTVLQLGPGVTKGLGAGANPEVGRQ
AALEDRERISEVLEGADMVFITTGMGGGTGTGAAPIIAEVAKEMGILTVAVVTRPFPFEGRKRMQIADEGIRALAESVDS
LITIPNEKLLTILGKDASLLAAFAKADDVLAGAVRGISDIIKRPGMINVDFADVKTVMSEMGMAMMGTGCASGPNRAREA
TEAAIRNPLLEDVNLQGARGILVNITAGPDLSLGEYSDVGNIIEQFASEHATVKVGTVIDADMRDELHVTVVATGLGARL
;
A,B
2 'polypeptide(L)'
;PAAFSELSLSGLPGHCLTLLAPILRELSEEQDARWLTLIAPPASLTHEWLRRAGLNRERILLLQAKDNAAALALSCEALR
LGRSHTVVSWLEPLSRAARKQLSRAAQLGQAQSLNIRLG
;
X,Y
#
loop_
_chem_comp.id
_chem_comp.type
_chem_comp.name
_chem_comp.formula
GDP RNA linking GUANOSINE-5'-DIPHOSPHATE 'C10 H15 N5 O11 P2'
#
# COMPACT_ATOMS: atom_id res chain seq x y z
N THR A 11 -22.52 13.96 12.89
CA THR A 11 -23.02 15.23 13.49
C THR A 11 -24.53 15.39 13.24
N ALA A 12 -25.14 14.35 12.68
CA ALA A 12 -26.57 14.38 12.38
C ALA A 12 -27.40 14.85 13.57
N VAL A 13 -28.39 15.70 13.30
CA VAL A 13 -29.25 16.19 14.36
C VAL A 13 -30.46 15.26 14.39
N ILE A 14 -30.58 14.49 15.47
CA ILE A 14 -31.67 13.55 15.63
C ILE A 14 -32.62 14.00 16.73
N LYS A 15 -33.90 14.08 16.41
CA LYS A 15 -34.88 14.48 17.40
C LYS A 15 -35.92 13.39 17.60
N VAL A 16 -36.32 13.21 18.85
CA VAL A 16 -37.31 12.20 19.20
C VAL A 16 -38.53 12.86 19.81
N ILE A 17 -39.67 12.76 19.15
CA ILE A 17 -40.86 13.38 19.69
C ILE A 17 -41.89 12.36 20.15
N GLY A 18 -42.19 12.40 21.45
CA GLY A 18 -43.18 11.52 22.05
C GLY A 18 -44.51 12.25 22.03
N VAL A 19 -45.51 11.62 21.43
CA VAL A 19 -46.83 12.23 21.29
C VAL A 19 -47.90 11.56 22.15
N GLY A 20 -48.53 12.35 23.02
CA GLY A 20 -49.57 11.82 23.89
C GLY A 20 -49.05 11.24 25.19
N GLY A 21 -49.93 10.61 25.96
CA GLY A 21 -49.56 10.02 27.23
C GLY A 21 -48.54 8.90 27.15
N GLY A 22 -48.87 7.86 26.40
CA GLY A 22 -47.94 6.74 26.26
C GLY A 22 -46.67 7.17 25.58
N GLY A 23 -46.81 8.03 24.56
CA GLY A 23 -45.65 8.51 23.84
C GLY A 23 -44.72 9.28 24.77
N GLY A 24 -45.30 10.09 25.65
CA GLY A 24 -44.49 10.85 26.59
C GLY A 24 -43.75 9.95 27.56
N ASN A 25 -44.43 8.93 28.07
CA ASN A 25 -43.81 7.99 28.99
C ASN A 25 -42.61 7.27 28.36
N ALA A 26 -42.71 6.93 27.09
CA ALA A 26 -41.62 6.25 26.40
C ALA A 26 -40.43 7.18 26.23
N VAL A 27 -40.70 8.42 25.83
CA VAL A 27 -39.66 9.40 25.62
C VAL A 27 -38.98 9.74 26.94
N ASN A 28 -39.74 9.88 28.01
CA ASN A 28 -39.15 10.19 29.29
C ASN A 28 -38.33 9.00 29.80
N HIS A 29 -38.72 7.80 29.38
CA HIS A 29 -37.97 6.62 29.77
C HIS A 29 -36.65 6.63 28.99
N MET A 30 -36.69 7.06 27.73
CA MET A 30 -35.50 7.12 26.90
C MET A 30 -34.52 8.15 27.45
N ALA A 31 -35.04 9.30 27.86
CA ALA A 31 -34.21 10.38 28.40
C ALA A 31 -33.52 9.99 29.71
N LYS A 32 -34.04 8.97 30.39
CA LYS A 32 -33.47 8.54 31.65
C LYS A 32 -32.54 7.36 31.51
N ASN A 33 -32.72 6.57 30.47
CA ASN A 33 -31.86 5.41 30.28
C ASN A 33 -30.62 5.68 29.41
N ASN A 34 -30.35 4.81 28.44
CA ASN A 34 -29.15 5.01 27.62
C ASN A 34 -29.42 5.31 26.15
N VAL A 35 -30.06 6.44 25.89
CA VAL A 35 -30.35 6.85 24.52
C VAL A 35 -29.67 8.20 24.33
N GLU A 36 -28.40 8.15 23.95
CA GLU A 36 -27.60 9.35 23.75
C GLU A 36 -27.62 9.85 22.32
N GLY A 37 -27.08 11.04 22.14
CA GLY A 37 -26.99 11.65 20.83
C GLY A 37 -28.27 12.19 20.23
N VAL A 38 -29.36 12.21 21.00
CA VAL A 38 -30.63 12.71 20.46
C VAL A 38 -31.30 13.73 21.37
N GLU A 39 -32.19 14.54 20.78
CA GLU A 39 -32.95 15.55 21.54
C GLU A 39 -34.34 14.98 21.79
N PHE A 40 -34.83 15.13 23.01
CA PHE A 40 -36.15 14.60 23.35
C PHE A 40 -37.22 15.68 23.44
N ILE A 41 -38.38 15.40 22.82
CA ILE A 41 -39.49 16.34 22.85
C ILE A 41 -40.76 15.60 23.20
N CYS A 42 -41.56 16.19 24.09
CA CYS A 42 -42.83 15.59 24.43
C CYS A 42 -43.94 16.52 23.92
N ALA A 43 -44.82 15.97 23.08
CA ALA A 43 -45.92 16.75 22.52
C ALA A 43 -47.23 16.16 23.07
N ASN A 44 -48.04 16.99 23.71
CA ASN A 44 -49.26 16.50 24.33
C ASN A 44 -50.30 17.61 24.47
N THR A 45 -51.57 17.25 24.41
CA THR A 45 -52.65 18.22 24.57
C THR A 45 -52.92 18.41 26.06
N ASP A 46 -52.51 17.41 26.83
CA ASP A 46 -52.66 17.37 28.28
C ASP A 46 -51.52 18.21 28.87
N ALA A 47 -51.85 19.41 29.36
CA ALA A 47 -50.82 20.31 29.92
C ALA A 47 -50.17 19.80 31.21
N GLN A 48 -50.93 19.12 32.05
CA GLN A 48 -50.40 18.61 33.31
C GLN A 48 -49.34 17.53 33.08
N ALA A 49 -49.50 16.73 32.04
CA ALA A 49 -48.55 15.66 31.74
C ALA A 49 -47.18 16.18 31.31
N LEU A 50 -47.14 17.43 30.86
CA LEU A 50 -45.89 18.03 30.42
C LEU A 50 -45.13 18.74 31.53
N LYS A 51 -45.61 18.61 32.76
CA LYS A 51 -44.97 19.26 33.91
C LYS A 51 -43.98 18.36 34.64
N ASN A 52 -42.81 18.92 34.95
CA ASN A 52 -41.77 18.20 35.67
C ASN A 52 -41.40 16.87 35.03
N ILE A 53 -41.00 16.90 33.76
CA ILE A 53 -40.63 15.69 33.06
C ILE A 53 -39.18 15.73 32.59
N ALA A 54 -38.63 14.56 32.26
CA ALA A 54 -37.24 14.45 31.80
C ALA A 54 -36.96 15.21 30.51
N ALA A 55 -37.84 15.09 29.52
CA ALA A 55 -37.64 15.75 28.24
C ALA A 55 -37.42 17.25 28.42
N ARG A 56 -36.37 17.76 27.79
CA ARG A 56 -36.04 19.18 27.88
C ARG A 56 -36.98 20.09 27.10
N THR A 57 -37.56 19.58 26.02
CA THR A 57 -38.47 20.38 25.22
C THR A 57 -39.89 19.82 25.31
N VAL A 58 -40.87 20.71 25.39
CA VAL A 58 -42.27 20.30 25.44
C VAL A 58 -43.05 21.09 24.41
N LEU A 59 -44.09 20.47 23.89
CA LEU A 59 -44.94 21.11 22.91
C LEU A 59 -46.39 20.82 23.28
N GLN A 60 -47.04 21.81 23.90
CA GLN A 60 -48.43 21.67 24.30
C GLN A 60 -49.30 21.92 23.08
N LEU A 61 -49.82 20.84 22.52
CA LEU A 61 -50.66 20.89 21.33
C LEU A 61 -52.05 21.49 21.54
N GLY A 62 -52.48 22.30 20.57
CA GLY A 62 -53.79 22.93 20.58
C GLY A 62 -54.30 23.50 21.89
N PRO A 63 -53.65 24.54 22.42
CA PRO A 63 -54.12 25.13 23.68
C PRO A 63 -55.50 25.75 23.49
N GLY A 64 -55.83 26.08 22.25
CA GLY A 64 -57.12 26.70 21.95
C GLY A 64 -58.24 25.70 21.76
N VAL A 65 -57.92 24.55 21.19
CA VAL A 65 -58.92 23.52 20.95
C VAL A 65 -59.20 22.71 22.22
N THR A 66 -58.16 22.45 22.99
CA THR A 66 -58.28 21.60 24.17
C THR A 66 -58.18 22.32 25.50
N LYS A 67 -57.66 23.55 25.47
CA LYS A 67 -57.48 24.33 26.68
C LYS A 67 -56.59 23.61 27.70
N GLY A 68 -55.59 22.90 27.19
CA GLY A 68 -54.66 22.18 28.05
C GLY A 68 -55.24 21.02 28.84
N LEU A 69 -56.49 20.67 28.57
CA LEU A 69 -57.15 19.57 29.29
C LEU A 69 -56.91 18.21 28.68
N GLY A 70 -56.19 18.17 27.57
CA GLY A 70 -55.91 16.92 26.91
C GLY A 70 -57.05 16.58 25.97
N ALA A 71 -56.99 15.39 25.38
CA ALA A 71 -58.03 14.94 24.49
C ALA A 71 -58.78 13.94 25.36
N GLY A 72 -59.89 13.41 24.87
CA GLY A 72 -60.59 12.45 25.69
C GLY A 72 -60.55 11.13 24.99
N ALA A 73 -59.34 10.70 24.64
CA ALA A 73 -59.16 9.44 23.91
C ALA A 73 -59.79 9.62 22.53
N ASN A 74 -60.20 10.84 22.23
CA ASN A 74 -60.81 11.19 20.94
C ASN A 74 -59.74 11.63 19.94
N PRO A 75 -59.43 10.78 18.95
CA PRO A 75 -58.42 11.09 17.93
C PRO A 75 -58.70 12.32 17.08
N GLU A 76 -59.96 12.75 17.00
CA GLU A 76 -60.28 13.94 16.21
C GLU A 76 -59.76 15.17 16.95
N VAL A 77 -59.91 15.16 18.27
CA VAL A 77 -59.42 16.27 19.08
C VAL A 77 -57.90 16.37 18.89
N GLY A 78 -57.23 15.22 18.93
CA GLY A 78 -55.78 15.20 18.75
C GLY A 78 -55.40 15.76 17.40
N ARG A 79 -56.13 15.37 16.36
CA ARG A 79 -55.86 15.87 15.02
C ARG A 79 -56.08 17.38 14.92
N GLN A 80 -57.18 17.87 15.48
CA GLN A 80 -57.48 19.31 15.41
C GLN A 80 -56.46 20.14 16.19
N ALA A 81 -56.01 19.61 17.33
CA ALA A 81 -55.03 20.33 18.14
C ALA A 81 -53.72 20.42 17.34
N ALA A 82 -53.38 19.35 16.63
CA ALA A 82 -52.15 19.36 15.85
C ALA A 82 -52.27 20.32 14.66
N LEU A 83 -53.43 20.35 14.02
CA LEU A 83 -53.63 21.25 12.89
C LEU A 83 -53.46 22.71 13.34
N GLU A 84 -53.85 22.98 14.58
CA GLU A 84 -53.74 24.31 15.16
C GLU A 84 -52.29 24.73 15.38
N ASP A 85 -51.42 23.77 15.66
CA ASP A 85 -50.02 24.06 15.91
C ASP A 85 -49.02 23.60 14.85
N ARG A 86 -49.43 23.55 13.59
CA ARG A 86 -48.52 23.13 12.53
C ARG A 86 -47.26 24.01 12.53
N GLU A 87 -47.44 25.29 12.82
CA GLU A 87 -46.31 26.21 12.86
C GLU A 87 -45.36 25.86 13.99
N ARG A 88 -45.91 25.67 15.19
CA ARG A 88 -45.05 25.35 16.32
C ARG A 88 -44.45 23.96 16.19
N ILE A 89 -45.09 23.09 15.41
CA ILE A 89 -44.53 21.76 15.20
C ILE A 89 -43.32 21.94 14.29
N SER A 90 -43.44 22.87 13.34
CA SER A 90 -42.34 23.15 12.41
C SER A 90 -41.13 23.64 13.18
N GLU A 91 -41.37 24.60 14.07
CA GLU A 91 -40.30 25.19 14.86
C GLU A 91 -39.53 24.16 15.65
N VAL A 92 -40.24 23.34 16.43
CA VAL A 92 -39.61 22.33 17.25
C VAL A 92 -38.80 21.32 16.43
N LEU A 93 -39.18 21.11 15.18
CA LEU A 93 -38.48 20.18 14.29
C LEU A 93 -37.36 20.82 13.45
N GLU A 94 -37.38 22.15 13.33
CA GLU A 94 -36.38 22.87 12.55
C GLU A 94 -34.95 22.42 12.84
N GLY A 95 -34.20 22.08 11.80
CA GLY A 95 -32.82 21.69 11.98
C GLY A 95 -32.52 20.20 12.11
N ALA A 96 -33.56 19.37 12.26
CA ALA A 96 -33.33 17.94 12.40
C ALA A 96 -32.97 17.30 11.06
N ASP A 97 -32.08 16.31 11.12
CA ASP A 97 -31.68 15.56 9.94
C ASP A 97 -32.54 14.31 9.99
N MET A 98 -33.04 14.03 11.18
CA MET A 98 -33.87 12.87 11.39
C MET A 98 -34.77 13.05 12.59
N VAL A 99 -36.00 12.55 12.45
CA VAL A 99 -36.94 12.63 13.55
C VAL A 99 -37.62 11.29 13.79
N PHE A 100 -37.69 10.90 15.06
CA PHE A 100 -38.38 9.68 15.44
C PHE A 100 -39.66 10.17 16.07
N ILE A 101 -40.78 9.63 15.63
CA ILE A 101 -42.07 9.99 16.17
C ILE A 101 -42.56 8.77 16.91
N THR A 102 -42.72 8.88 18.22
CA THR A 102 -43.18 7.73 18.96
C THR A 102 -44.47 7.99 19.70
N THR A 103 -45.38 7.04 19.63
CA THR A 103 -46.65 7.20 20.29
C THR A 103 -47.37 5.89 20.49
N GLY A 104 -48.35 5.92 21.38
CA GLY A 104 -49.16 4.75 21.61
C GLY A 104 -50.41 5.00 20.79
N MET A 105 -50.58 4.25 19.71
CA MET A 105 -51.76 4.41 18.87
C MET A 105 -52.96 3.81 19.59
N GLY A 106 -54.10 4.50 19.50
CA GLY A 106 -55.29 4.00 20.15
C GLY A 106 -55.96 5.05 21.00
N GLY A 107 -55.24 6.10 21.34
CA GLY A 107 -55.81 7.18 22.16
C GLY A 107 -56.26 8.31 21.26
N GLY A 108 -56.29 9.52 21.80
CA GLY A 108 -56.73 10.66 21.01
C GLY A 108 -55.59 11.53 20.49
N THR A 109 -54.74 11.97 21.41
CA THR A 109 -53.60 12.82 21.07
C THR A 109 -52.63 12.12 20.13
N GLY A 110 -52.12 10.98 20.58
CA GLY A 110 -51.18 10.23 19.76
C GLY A 110 -51.72 9.83 18.40
N THR A 111 -52.83 9.12 18.35
CA THR A 111 -53.35 8.69 17.05
C THR A 111 -53.70 9.86 16.16
N GLY A 112 -54.23 10.92 16.75
CA GLY A 112 -54.62 12.08 15.97
C GLY A 112 -53.52 13.03 15.52
N ALA A 113 -52.65 13.41 16.45
CA ALA A 113 -51.57 14.35 16.14
C ALA A 113 -50.33 13.82 15.45
N ALA A 114 -49.98 12.55 15.69
CA ALA A 114 -48.77 11.97 15.09
C ALA A 114 -48.76 12.08 13.57
N PRO A 115 -49.85 11.70 12.90
CA PRO A 115 -49.89 11.79 11.44
C PRO A 115 -49.63 13.22 10.96
N ILE A 116 -50.19 14.18 11.67
CA ILE A 116 -50.02 15.58 11.32
C ILE A 116 -48.59 16.01 11.56
N ILE A 117 -48.00 15.56 12.67
CA ILE A 117 -46.62 15.91 12.95
C ILE A 117 -45.75 15.32 11.85
N ALA A 118 -46.08 14.10 11.42
CA ALA A 118 -45.34 13.45 10.34
C ALA A 118 -45.48 14.26 9.04
N GLU A 119 -46.68 14.75 8.74
CA GLU A 119 -46.88 15.52 7.52
C GLU A 119 -45.92 16.69 7.52
N VAL A 120 -45.85 17.39 8.64
CA VAL A 120 -44.96 18.54 8.75
C VAL A 120 -43.49 18.15 8.51
N ALA A 121 -43.02 17.11 9.19
CA ALA A 121 -41.64 16.65 9.04
C ALA A 121 -41.35 16.33 7.57
N LYS A 122 -42.27 15.63 6.93
CA LYS A 122 -42.17 15.24 5.53
C LYS A 122 -42.11 16.48 4.65
N GLU A 123 -43.01 17.42 4.91
CA GLU A 123 -43.08 18.67 4.18
C GLU A 123 -41.73 19.38 4.28
N MET A 124 -41.05 19.19 5.40
CA MET A 124 -39.74 19.82 5.65
C MET A 124 -38.58 18.99 5.11
N GLY A 125 -38.87 17.85 4.49
CA GLY A 125 -37.81 17.02 3.95
C GLY A 125 -36.92 16.34 4.97
N ILE A 126 -37.49 16.00 6.13
CA ILE A 126 -36.71 15.36 7.18
C ILE A 126 -37.00 13.86 7.19
N LEU A 127 -35.95 13.04 7.24
CA LEU A 127 -36.12 11.60 7.29
C LEU A 127 -36.96 11.35 8.53
N THR A 128 -38.07 10.63 8.39
CA THR A 128 -38.94 10.39 9.52
C THR A 128 -39.27 8.94 9.75
N VAL A 129 -38.98 8.51 10.98
CA VAL A 129 -39.25 7.16 11.39
C VAL A 129 -40.22 7.15 12.56
N ALA A 130 -41.37 6.53 12.37
CA ALA A 130 -42.34 6.44 13.45
C ALA A 130 -42.10 5.12 14.16
N VAL A 131 -42.15 5.15 15.49
CA VAL A 131 -42.01 3.95 16.29
C VAL A 131 -43.23 3.96 17.20
N VAL A 132 -44.23 3.17 16.85
CA VAL A 132 -45.46 3.16 17.62
C VAL A 132 -45.92 1.78 18.05
N THR A 133 -46.80 1.76 19.03
CA THR A 133 -47.36 0.51 19.53
C THR A 133 -48.81 0.40 19.14
N ARG A 134 -49.28 -0.84 19.02
CA ARG A 134 -50.68 -1.12 18.75
C ARG A 134 -51.14 -1.52 20.14
N PRO A 135 -52.37 -1.13 20.53
CA PRO A 135 -52.93 -1.43 21.85
C PRO A 135 -52.91 -2.91 22.24
N PHE A 136 -52.96 -3.16 23.55
CA PHE A 136 -53.01 -4.53 24.04
C PHE A 136 -54.43 -5.01 23.80
N PRO A 137 -54.62 -6.32 23.60
CA PRO A 137 -55.97 -6.82 23.37
C PRO A 137 -56.94 -6.46 24.50
N PHE A 138 -56.42 -6.37 25.72
CA PHE A 138 -57.28 -6.03 26.87
C PHE A 138 -57.81 -4.60 26.84
N GLU A 139 -57.34 -3.78 25.92
CA GLU A 139 -57.80 -2.40 25.85
C GLU A 139 -59.11 -2.24 25.07
N GLY A 140 -59.52 -3.31 24.38
CA GLY A 140 -60.76 -3.25 23.64
C GLY A 140 -60.66 -3.07 22.14
N ARG A 141 -61.73 -3.44 21.46
CA ARG A 141 -61.80 -3.37 20.00
C ARG A 141 -61.80 -1.91 19.53
N LYS A 142 -62.51 -1.06 20.27
CA LYS A 142 -62.59 0.35 19.91
C LYS A 142 -61.20 0.96 19.71
N ARG A 143 -60.33 0.79 20.70
CA ARG A 143 -58.99 1.35 20.59
C ARG A 143 -58.17 0.70 19.48
N MET A 144 -58.33 -0.61 19.30
CA MET A 144 -57.58 -1.29 18.25
C MET A 144 -57.99 -0.74 16.88
N GLN A 145 -59.27 -0.39 16.75
CA GLN A 145 -59.79 0.15 15.49
C GLN A 145 -59.23 1.54 15.26
N ILE A 146 -59.24 2.34 16.31
CA ILE A 146 -58.73 3.70 16.25
C ILE A 146 -57.25 3.65 15.90
N ALA A 147 -56.52 2.75 16.55
CA ALA A 147 -55.10 2.59 16.31
C ALA A 147 -54.85 2.24 14.86
N ASP A 148 -55.61 1.27 14.34
CA ASP A 148 -55.43 0.85 12.96
C ASP A 148 -55.63 2.02 11.99
N GLU A 149 -56.63 2.85 12.26
CA GLU A 149 -56.91 4.00 11.40
C GLU A 149 -55.78 5.00 11.48
N GLY A 150 -55.35 5.32 12.70
CA GLY A 150 -54.26 6.26 12.87
C GLY A 150 -52.99 5.76 12.20
N ILE A 151 -52.76 4.46 12.28
CA ILE A 151 -51.57 3.88 11.68
C ILE A 151 -51.62 4.01 10.15
N ARG A 152 -52.80 3.84 9.59
CA ARG A 152 -52.99 3.96 8.16
C ARG A 152 -52.71 5.40 7.73
N ALA A 153 -53.20 6.35 8.52
CA ALA A 153 -52.98 7.76 8.22
C ALA A 153 -51.51 8.13 8.39
N LEU A 154 -50.85 7.47 9.34
CA LEU A 154 -49.43 7.73 9.61
C LEU A 154 -48.53 7.25 8.48
N ALA A 155 -48.81 6.06 7.97
CA ALA A 155 -48.01 5.48 6.90
C ALA A 155 -47.96 6.37 5.65
N GLU A 156 -48.89 7.31 5.53
CA GLU A 156 -48.92 8.18 4.37
C GLU A 156 -47.85 9.28 4.39
N SER A 157 -47.23 9.49 5.55
CA SER A 157 -46.23 10.55 5.60
C SER A 157 -44.91 10.27 6.32
N VAL A 158 -44.65 9.01 6.66
CA VAL A 158 -43.38 8.67 7.32
C VAL A 158 -42.57 7.82 6.37
N ASP A 159 -41.25 7.88 6.48
CA ASP A 159 -40.40 7.08 5.63
C ASP A 159 -40.49 5.63 6.04
N SER A 160 -40.36 5.39 7.34
CA SER A 160 -40.49 4.06 7.90
C SER A 160 -41.38 4.12 9.13
N LEU A 161 -42.30 3.18 9.21
CA LEU A 161 -43.23 3.10 10.32
C LEU A 161 -43.05 1.79 11.06
N ILE A 162 -42.27 1.84 12.14
CA ILE A 162 -42.02 0.65 12.94
C ILE A 162 -43.20 0.41 13.86
N THR A 163 -43.79 -0.76 13.73
CA THR A 163 -44.93 -1.12 14.55
C THR A 163 -44.58 -2.12 15.62
N ILE A 164 -44.99 -1.83 16.84
CA ILE A 164 -44.75 -2.72 17.96
C ILE A 164 -46.09 -3.15 18.56
N PRO A 165 -46.58 -4.33 18.18
CA PRO A 165 -47.86 -4.80 18.72
C PRO A 165 -47.69 -5.22 20.17
N ASN A 166 -48.30 -4.45 21.08
CA ASN A 166 -48.19 -4.74 22.50
C ASN A 166 -48.57 -6.15 22.85
N GLU A 167 -49.42 -6.77 22.03
CA GLU A 167 -49.84 -8.14 22.25
C GLU A 167 -48.59 -9.02 22.34
N LYS A 168 -47.60 -8.75 21.49
CA LYS A 168 -46.36 -9.53 21.49
C LYS A 168 -45.56 -9.34 22.77
N LEU A 169 -45.69 -8.18 23.41
CA LEU A 169 -44.97 -7.93 24.64
C LEU A 169 -45.39 -8.90 25.73
N LEU A 170 -46.65 -9.33 25.68
CA LEU A 170 -47.17 -10.28 26.66
C LEU A 170 -46.47 -11.64 26.49
N THR A 171 -46.21 -12.01 25.24
CA THR A 171 -45.51 -13.27 24.99
C THR A 171 -44.13 -13.17 25.62
N ILE A 172 -43.43 -12.10 25.30
CA ILE A 172 -42.09 -11.89 25.84
C ILE A 172 -42.11 -11.90 27.36
N LEU A 173 -43.02 -11.14 27.96
CA LEU A 173 -43.07 -11.07 29.42
C LEU A 173 -43.50 -12.37 30.11
N GLY A 174 -44.48 -13.05 29.55
CA GLY A 174 -44.93 -14.29 30.15
C GLY A 174 -45.51 -14.12 31.53
N LYS A 175 -45.06 -14.94 32.47
CA LYS A 175 -45.55 -14.93 33.85
C LYS A 175 -45.22 -13.60 34.55
N ASP A 176 -44.18 -12.93 34.08
CA ASP A 176 -43.78 -11.66 34.66
C ASP A 176 -44.66 -10.51 34.20
N ALA A 177 -45.75 -10.82 33.52
CA ALA A 177 -46.65 -9.78 33.05
C ALA A 177 -47.52 -9.24 34.19
N SER A 178 -47.79 -7.95 34.13
CA SER A 178 -48.61 -7.25 35.10
C SER A 178 -48.97 -5.95 34.35
N LEU A 179 -49.92 -5.19 34.86
CA LEU A 179 -50.29 -3.96 34.18
C LEU A 179 -49.10 -3.00 34.07
N LEU A 180 -48.43 -2.75 35.20
CA LEU A 180 -47.27 -1.85 35.22
C LEU A 180 -46.12 -2.36 34.37
N ALA A 181 -45.85 -3.66 34.45
CA ALA A 181 -44.76 -4.26 33.70
C ALA A 181 -45.01 -4.24 32.19
N ALA A 182 -46.26 -4.41 31.79
CA ALA A 182 -46.63 -4.40 30.36
C ALA A 182 -46.30 -3.08 29.66
N PHE A 183 -46.69 -1.97 30.26
CA PHE A 183 -46.39 -0.68 29.66
C PHE A 183 -44.94 -0.29 29.85
N ALA A 184 -44.33 -0.81 30.92
CA ALA A 184 -42.92 -0.55 31.18
C ALA A 184 -42.12 -1.23 30.08
N LYS A 185 -42.61 -2.39 29.65
CA LYS A 185 -41.96 -3.16 28.60
C LYS A 185 -42.11 -2.39 27.29
N ALA A 186 -43.30 -1.83 27.07
CA ALA A 186 -43.54 -1.05 25.86
C ALA A 186 -42.54 0.11 25.80
N ASP A 187 -42.38 0.82 26.91
CA ASP A 187 -41.43 1.93 26.95
C ASP A 187 -40.02 1.46 26.56
N ASP A 188 -39.57 0.39 27.21
CA ASP A 188 -38.25 -0.16 26.96
C ASP A 188 -38.03 -0.63 25.52
N VAL A 189 -39.03 -1.26 24.93
CA VAL A 189 -38.90 -1.71 23.56
C VAL A 189 -38.77 -0.51 22.62
N LEU A 190 -39.59 0.51 22.84
CA LEU A 190 -39.56 1.71 22.02
C LEU A 190 -38.18 2.35 22.11
N ALA A 191 -37.60 2.34 23.31
CA ALA A 191 -36.28 2.91 23.55
C ALA A 191 -35.22 2.11 22.80
N GLY A 192 -35.40 0.80 22.76
CA GLY A 192 -34.44 -0.04 22.07
C GLY A 192 -34.44 0.25 20.57
N ALA A 193 -35.62 0.54 20.04
CA ALA A 193 -35.75 0.86 18.63
C ALA A 193 -35.01 2.15 18.31
N VAL A 194 -35.31 3.21 19.05
CA VAL A 194 -34.64 4.49 18.84
C VAL A 194 -33.14 4.38 19.08
N ARG A 195 -32.76 3.68 20.15
CA ARG A 195 -31.33 3.51 20.47
C ARG A 195 -30.59 2.72 19.39
N GLY A 196 -31.20 1.63 18.94
CA GLY A 196 -30.58 0.78 17.93
C GLY A 196 -30.22 1.51 16.66
N ILE A 197 -31.13 2.37 16.22
CA ILE A 197 -30.93 3.15 14.99
C ILE A 197 -30.05 4.36 15.25
N SER A 198 -30.40 5.17 16.23
CA SER A 198 -29.63 6.37 16.54
C SER A 198 -28.15 6.10 16.80
N ASP A 199 -27.85 5.00 17.51
CA ASP A 199 -26.46 4.65 17.81
C ASP A 199 -25.64 4.39 16.55
N ILE A 200 -26.23 3.75 15.56
CA ILE A 200 -25.52 3.45 14.32
C ILE A 200 -25.10 4.76 13.67
N ILE A 201 -25.94 5.78 13.81
CA ILE A 201 -25.69 7.09 13.25
C ILE A 201 -24.77 7.94 14.12
N LYS A 202 -24.97 7.90 15.43
CA LYS A 202 -24.18 8.73 16.33
C LYS A 202 -22.91 8.16 16.94
N ARG A 203 -22.85 6.86 17.17
CA ARG A 203 -21.67 6.27 17.80
C ARG A 203 -21.17 5.03 17.09
N PRO A 204 -21.10 5.05 15.75
CA PRO A 204 -20.62 3.86 15.04
C PRO A 204 -19.18 3.51 15.41
N GLY A 205 -18.90 2.21 15.51
CA GLY A 205 -17.55 1.76 15.85
C GLY A 205 -16.76 1.41 14.60
N MET A 206 -17.49 1.11 13.52
CA MET A 206 -16.86 0.79 12.25
C MET A 206 -17.15 1.93 11.27
N ILE A 207 -16.49 1.90 10.11
CA ILE A 207 -16.66 2.96 9.13
C ILE A 207 -17.44 2.51 7.90
N ASN A 208 -18.08 1.35 7.97
CA ASN A 208 -18.80 0.85 6.80
C ASN A 208 -20.24 1.35 6.63
N VAL A 209 -20.82 1.93 7.68
CA VAL A 209 -22.19 2.44 7.61
C VAL A 209 -22.26 3.92 8.00
N ASP A 210 -22.66 4.77 7.06
CA ASP A 210 -22.77 6.20 7.33
C ASP A 210 -24.24 6.59 7.31
N PHE A 211 -24.53 7.82 7.73
CA PHE A 211 -25.92 8.29 7.74
C PHE A 211 -26.63 8.02 6.42
N ALA A 212 -25.93 8.23 5.31
CA ALA A 212 -26.52 7.99 4.00
C ALA A 212 -26.98 6.54 3.85
N ASP A 213 -26.21 5.61 4.39
CA ASP A 213 -26.56 4.18 4.32
C ASP A 213 -27.83 3.90 5.11
N VAL A 214 -27.98 4.60 6.23
CA VAL A 214 -29.16 4.40 7.07
C VAL A 214 -30.37 5.00 6.36
N LYS A 215 -30.18 6.16 5.74
CA LYS A 215 -31.24 6.83 5.00
C LYS A 215 -31.70 5.91 3.88
N THR A 216 -30.76 5.21 3.26
CA THR A 216 -31.06 4.28 2.17
C THR A 216 -31.98 3.11 2.59
N VAL A 217 -31.80 2.58 3.80
CA VAL A 217 -32.63 1.47 4.25
C VAL A 217 -33.92 1.94 4.92
N MET A 218 -33.97 3.21 5.26
CA MET A 218 -35.12 3.80 5.94
C MET A 218 -36.05 4.63 5.05
N SER A 219 -35.46 5.41 4.14
CA SER A 219 -36.24 6.28 3.26
C SER A 219 -37.29 5.62 2.36
N GLU A 220 -38.49 6.18 2.37
CA GLU A 220 -39.60 5.70 1.55
C GLU A 220 -39.73 4.18 1.58
N MET A 221 -39.71 3.57 2.76
CA MET A 221 -39.80 2.12 2.83
C MET A 221 -41.18 1.64 3.25
N GLY A 222 -41.84 2.40 4.10
CA GLY A 222 -43.15 2.02 4.56
C GLY A 222 -43.13 1.32 5.91
N MET A 223 -43.92 0.26 6.05
CA MET A 223 -44.02 -0.48 7.30
C MET A 223 -42.73 -1.20 7.66
N ALA A 224 -42.48 -1.30 8.97
CA ALA A 224 -41.29 -1.96 9.46
C ALA A 224 -41.55 -2.61 10.81
N MET A 225 -40.63 -3.49 11.21
CA MET A 225 -40.73 -4.17 12.48
C MET A 225 -39.33 -4.54 12.93
N MET A 226 -39.15 -4.69 14.24
CA MET A 226 -37.84 -5.04 14.76
C MET A 226 -37.86 -6.18 15.76
N GLY A 227 -36.67 -6.73 15.99
CA GLY A 227 -36.49 -7.81 16.93
C GLY A 227 -35.13 -7.56 17.56
N THR A 228 -35.00 -7.88 18.84
CA THR A 228 -33.72 -7.67 19.53
C THR A 228 -33.36 -8.95 20.25
N GLY A 229 -32.06 -9.15 20.47
CA GLY A 229 -31.59 -10.32 21.17
C GLY A 229 -30.23 -10.04 21.74
N CYS A 230 -29.85 -10.76 22.78
CA CYS A 230 -28.55 -10.57 23.39
C CYS A 230 -28.12 -11.92 23.94
N ALA A 231 -26.81 -12.11 24.03
CA ALA A 231 -26.30 -13.36 24.55
C ALA A 231 -24.90 -13.14 25.06
N SER A 232 -24.43 -14.10 25.84
CA SER A 232 -23.10 -14.06 26.44
C SER A 232 -22.45 -15.42 26.19
N GLY A 233 -21.14 -15.50 26.33
CA GLY A 233 -20.45 -16.76 26.13
C GLY A 233 -19.90 -17.02 24.74
N PRO A 234 -19.34 -18.21 24.51
CA PRO A 234 -18.72 -18.70 23.26
C PRO A 234 -19.53 -18.59 21.97
N ASN A 235 -20.84 -18.78 22.05
CA ASN A 235 -21.66 -18.69 20.85
C ASN A 235 -22.60 -17.49 20.86
N ARG A 236 -22.24 -16.46 21.62
CA ARG A 236 -23.07 -15.27 21.75
C ARG A 236 -23.47 -14.59 20.44
N ALA A 237 -22.57 -14.54 19.46
CA ALA A 237 -22.90 -13.90 18.19
C ALA A 237 -24.07 -14.56 17.49
N ARG A 238 -24.03 -15.88 17.38
CA ARG A 238 -25.12 -16.62 16.73
C ARG A 238 -26.40 -16.62 17.58
N GLU A 239 -26.24 -16.83 18.88
CA GLU A 239 -27.38 -16.86 19.79
C GLU A 239 -28.12 -15.51 19.87
N ALA A 240 -27.39 -14.41 19.89
CA ALA A 240 -28.03 -13.09 19.95
C ALA A 240 -28.74 -12.81 18.64
N THR A 241 -28.10 -13.14 17.52
CA THR A 241 -28.71 -12.90 16.22
C THR A 241 -29.97 -13.75 16.02
N GLU A 242 -29.86 -15.06 16.26
CA GLU A 242 -31.02 -15.94 16.11
C GLU A 242 -32.14 -15.53 17.05
N ALA A 243 -31.77 -15.07 18.25
CA ALA A 243 -32.75 -14.63 19.24
C ALA A 243 -33.48 -13.38 18.73
N ALA A 244 -32.77 -12.52 18.01
CA ALA A 244 -33.38 -11.32 17.49
C ALA A 244 -34.38 -11.70 16.38
N ILE A 245 -33.96 -12.63 15.54
CA ILE A 245 -34.77 -13.10 14.44
C ILE A 245 -36.05 -13.78 14.94
N ARG A 246 -35.94 -14.59 15.98
CA ARG A 246 -37.13 -15.25 16.50
C ARG A 246 -37.89 -14.45 17.57
N ASN A 247 -37.46 -13.21 17.81
CA ASN A 247 -38.14 -12.37 18.78
C ASN A 247 -39.59 -12.28 18.33
N PRO A 248 -40.55 -12.44 19.26
CA PRO A 248 -41.95 -12.37 18.87
C PRO A 248 -42.36 -11.08 18.19
N LEU A 249 -41.56 -10.02 18.35
CA LEU A 249 -41.88 -8.75 17.70
C LEU A 249 -41.63 -8.84 16.20
N LEU A 250 -40.95 -9.91 15.79
CA LEU A 250 -40.63 -10.15 14.38
C LEU A 250 -41.25 -11.46 13.88
N GLU A 251 -42.16 -12.04 14.66
CA GLU A 251 -42.79 -13.31 14.28
C GLU A 251 -43.50 -13.28 12.93
N ASP A 252 -44.47 -12.39 12.82
CA ASP A 252 -45.29 -12.30 11.62
C ASP A 252 -44.65 -11.58 10.43
N VAL A 253 -43.32 -11.63 10.34
CA VAL A 253 -42.65 -10.98 9.23
C VAL A 253 -41.79 -11.94 8.43
N ASN A 254 -41.88 -11.83 7.11
CA ASN A 254 -41.09 -12.65 6.21
C ASN A 254 -39.83 -11.83 5.95
N LEU A 255 -38.78 -12.09 6.73
CA LEU A 255 -37.54 -11.35 6.57
C LEU A 255 -37.08 -11.32 5.13
N GLN A 256 -37.28 -12.43 4.43
CA GLN A 256 -36.87 -12.50 3.04
C GLN A 256 -37.73 -11.60 2.15
N GLY A 257 -38.85 -11.13 2.70
CA GLY A 257 -39.74 -10.28 1.92
C GLY A 257 -39.57 -8.79 2.24
N ALA A 258 -38.55 -8.44 3.01
CA ALA A 258 -38.30 -7.07 3.37
C ALA A 258 -37.29 -6.41 2.44
N ARG A 259 -37.57 -5.17 2.04
CA ARG A 259 -36.70 -4.41 1.14
C ARG A 259 -35.46 -3.87 1.85
N GLY A 260 -35.59 -3.59 3.14
CA GLY A 260 -34.47 -3.07 3.90
C GLY A 260 -34.23 -3.86 5.16
N ILE A 261 -32.97 -3.93 5.57
CA ILE A 261 -32.59 -4.63 6.78
C ILE A 261 -31.47 -3.85 7.44
N LEU A 262 -31.75 -3.25 8.59
CA LEU A 262 -30.74 -2.50 9.34
C LEU A 262 -30.42 -3.33 10.58
N VAL A 263 -29.14 -3.65 10.77
CA VAL A 263 -28.75 -4.46 11.92
C VAL A 263 -27.82 -3.68 12.81
N ASN A 264 -28.11 -3.69 14.11
CA ASN A 264 -27.25 -3.00 15.07
C ASN A 264 -26.55 -4.02 15.96
N ILE A 265 -25.22 -4.07 15.91
CA ILE A 265 -24.49 -4.98 16.76
C ILE A 265 -23.87 -4.12 17.87
N THR A 266 -24.25 -4.36 19.11
CA THR A 266 -23.67 -3.60 20.21
C THR A 266 -22.90 -4.55 21.11
N ALA A 267 -21.63 -4.23 21.36
CA ALA A 267 -20.79 -5.07 22.19
C ALA A 267 -19.64 -4.27 22.77
N GLY A 268 -18.90 -4.88 23.69
CA GLY A 268 -17.75 -4.23 24.29
C GLY A 268 -16.53 -4.51 23.42
N PRO A 269 -15.34 -4.01 23.81
CA PRO A 269 -14.09 -4.21 23.07
C PRO A 269 -13.69 -5.67 22.88
N ASP A 270 -14.43 -6.60 23.48
CA ASP A 270 -14.09 -8.01 23.32
C ASP A 270 -14.75 -8.60 22.08
N LEU A 271 -15.42 -7.75 21.31
CA LEU A 271 -16.06 -8.21 20.07
C LEU A 271 -14.95 -8.66 19.14
N SER A 272 -15.02 -9.90 18.66
CA SER A 272 -13.99 -10.41 17.76
C SER A 272 -14.47 -10.28 16.32
N LEU A 273 -13.53 -10.26 15.38
CA LEU A 273 -13.81 -10.14 13.96
C LEU A 273 -14.71 -11.29 13.52
N GLY A 274 -14.43 -12.48 14.04
CA GLY A 274 -15.23 -13.64 13.69
C GLY A 274 -16.68 -13.49 14.12
N GLU A 275 -16.91 -12.92 15.29
CA GLU A 275 -18.28 -12.73 15.77
C GLU A 275 -19.02 -11.79 14.83
N TYR A 276 -18.31 -10.77 14.36
CA TYR A 276 -18.91 -9.80 13.45
C TYR A 276 -19.32 -10.48 12.16
N SER A 277 -18.44 -11.31 11.61
CA SER A 277 -18.74 -11.99 10.36
C SER A 277 -19.85 -13.03 10.57
N ASP A 278 -19.94 -13.61 11.78
CA ASP A 278 -20.98 -14.58 12.07
C ASP A 278 -22.38 -13.96 11.98
N VAL A 279 -22.54 -12.76 12.54
CA VAL A 279 -23.83 -12.08 12.51
C VAL A 279 -24.15 -11.74 11.06
N GLY A 280 -23.17 -11.23 10.33
CA GLY A 280 -23.39 -10.88 8.95
C GLY A 280 -23.84 -12.07 8.12
N ASN A 281 -23.17 -13.20 8.31
CA ASN A 281 -23.52 -14.40 7.57
C ASN A 281 -24.95 -14.85 7.86
N ILE A 282 -25.32 -14.86 9.15
CA ILE A 282 -26.67 -15.27 9.53
C ILE A 282 -27.72 -14.37 8.91
N ILE A 283 -27.45 -13.07 8.86
CA ILE A 283 -28.40 -12.12 8.29
C ILE A 283 -28.55 -12.34 6.79
N GLU A 284 -27.43 -12.50 6.08
CA GLU A 284 -27.45 -12.72 4.64
C GLU A 284 -28.26 -13.96 4.27
N GLN A 285 -28.30 -14.94 5.16
CA GLN A 285 -29.04 -16.16 4.91
C GLN A 285 -30.56 -15.95 4.98
N PHE A 286 -30.98 -14.92 5.70
CA PHE A 286 -32.41 -14.65 5.83
C PHE A 286 -32.86 -13.49 4.95
N ALA A 287 -31.94 -12.60 4.59
CA ALA A 287 -32.29 -11.46 3.76
C ALA A 287 -32.43 -11.85 2.30
N SER A 288 -33.31 -11.15 1.58
CA SER A 288 -33.50 -11.43 0.17
C SER A 288 -32.33 -10.79 -0.57
N GLU A 289 -31.97 -11.34 -1.72
CA GLU A 289 -30.86 -10.80 -2.49
C GLU A 289 -31.20 -9.42 -3.06
N HIS A 290 -32.48 -9.09 -3.11
CA HIS A 290 -32.90 -7.79 -3.63
C HIS A 290 -33.07 -6.76 -2.52
N ALA A 291 -32.61 -7.09 -1.33
CA ALA A 291 -32.75 -6.19 -0.20
C ALA A 291 -31.51 -5.39 0.13
N THR A 292 -31.73 -4.19 0.66
CA THR A 292 -30.62 -3.33 1.06
C THR A 292 -30.32 -3.76 2.50
N VAL A 293 -29.12 -4.26 2.73
CA VAL A 293 -28.72 -4.73 4.04
C VAL A 293 -27.56 -3.90 4.57
N LYS A 294 -27.72 -3.36 5.78
CA LYS A 294 -26.70 -2.54 6.41
C LYS A 294 -26.49 -3.05 7.84
N VAL A 295 -25.26 -3.43 8.16
CA VAL A 295 -24.95 -3.94 9.48
C VAL A 295 -23.98 -2.98 10.17
N GLY A 296 -24.53 -2.15 11.04
CA GLY A 296 -23.70 -1.19 11.76
C GLY A 296 -23.27 -1.77 13.10
N THR A 297 -22.08 -1.37 13.54
CA THR A 297 -21.54 -1.86 14.80
C THR A 297 -21.29 -0.73 15.77
N VAL A 298 -21.65 -0.94 17.03
CA VAL A 298 -21.45 0.05 18.08
C VAL A 298 -20.66 -0.60 19.20
N ILE A 299 -19.52 -0.01 19.55
CA ILE A 299 -18.71 -0.55 20.62
C ILE A 299 -18.90 0.24 21.91
N ASP A 300 -19.41 -0.42 22.94
CA ASP A 300 -19.59 0.23 24.22
C ASP A 300 -18.31 -0.08 24.98
N ALA A 301 -17.42 0.91 25.07
CA ALA A 301 -16.12 0.77 25.71
C ALA A 301 -16.13 0.09 27.08
N ASP A 302 -17.24 0.19 27.80
CA ASP A 302 -17.32 -0.43 29.13
C ASP A 302 -18.12 -1.72 29.18
N MET A 303 -18.54 -2.20 28.02
CA MET A 303 -19.33 -3.42 27.95
C MET A 303 -18.42 -4.65 27.82
N ARG A 304 -18.84 -5.76 28.44
CA ARG A 304 -18.07 -7.00 28.38
C ARG A 304 -18.96 -8.23 28.38
N ASP A 305 -18.49 -9.29 27.74
CA ASP A 305 -19.21 -10.56 27.67
C ASP A 305 -20.53 -10.61 26.92
N GLU A 306 -21.33 -9.56 27.03
CA GLU A 306 -22.61 -9.55 26.34
C GLU A 306 -22.48 -9.00 24.93
N LEU A 307 -23.38 -9.45 24.07
CA LEU A 307 -23.41 -8.99 22.69
C LEU A 307 -24.88 -8.83 22.33
N HIS A 308 -25.24 -7.64 21.85
CA HIS A 308 -26.61 -7.35 21.49
C HIS A 308 -26.77 -7.24 19.99
N VAL A 309 -27.91 -7.71 19.49
CA VAL A 309 -28.20 -7.61 18.08
C VAL A 309 -29.60 -7.05 17.90
N THR A 310 -29.69 -5.94 17.17
CA THR A 310 -31.00 -5.36 16.89
C THR A 310 -31.24 -5.40 15.38
N VAL A 311 -32.37 -5.97 14.99
CA VAL A 311 -32.70 -6.05 13.58
C VAL A 311 -33.98 -5.29 13.28
N VAL A 312 -33.88 -4.38 12.31
CA VAL A 312 -35.03 -3.61 11.89
C VAL A 312 -35.26 -3.97 10.41
N ALA A 313 -36.43 -4.54 10.12
CA ALA A 313 -36.79 -4.92 8.76
C ALA A 313 -37.75 -3.86 8.23
N THR A 314 -37.33 -3.15 7.18
CA THR A 314 -38.15 -2.11 6.59
C THR A 314 -38.69 -2.53 5.24
N GLY A 315 -39.70 -1.79 4.75
CA GLY A 315 -40.33 -2.08 3.47
C GLY A 315 -40.85 -3.50 3.41
N LEU A 316 -41.65 -3.87 4.40
CA LEU A 316 -42.22 -5.21 4.47
C LEU A 316 -43.29 -5.44 3.42
N GLY A 317 -43.43 -6.69 2.99
CA GLY A 317 -44.43 -7.02 1.99
C GLY A 317 -43.78 -7.51 0.71
N THR B 11 28.45 -7.69 -4.66
CA THR B 11 28.79 -9.01 -4.04
C THR B 11 29.40 -9.98 -5.04
N ALA B 12 28.83 -10.05 -6.24
CA ALA B 12 29.35 -10.95 -7.29
C ALA B 12 30.82 -10.67 -7.55
N VAL B 13 31.63 -11.73 -7.53
CA VAL B 13 33.07 -11.58 -7.77
C VAL B 13 33.33 -11.64 -9.28
N ILE B 14 33.85 -10.55 -9.82
CA ILE B 14 34.15 -10.49 -11.25
C ILE B 14 35.63 -10.29 -11.47
N LYS B 15 36.22 -11.18 -12.25
CA LYS B 15 37.64 -11.12 -12.55
C LYS B 15 37.86 -10.97 -14.05
N VAL B 16 38.83 -10.13 -14.40
CA VAL B 16 39.18 -9.90 -15.79
C VAL B 16 40.61 -10.36 -16.01
N ILE B 17 40.80 -11.25 -16.98
CA ILE B 17 42.14 -11.72 -17.26
C ILE B 17 42.60 -11.42 -18.67
N GLY B 18 43.65 -10.61 -18.76
CA GLY B 18 44.21 -10.25 -20.06
C GLY B 18 45.28 -11.26 -20.34
N VAL B 19 45.22 -11.88 -21.51
CA VAL B 19 46.19 -12.91 -21.85
C VAL B 19 47.10 -12.45 -22.97
N GLY B 20 48.40 -12.53 -22.73
CA GLY B 20 49.37 -12.12 -23.74
C GLY B 20 49.62 -10.62 -23.72
N GLY B 21 50.47 -10.18 -24.65
CA GLY B 21 50.82 -8.77 -24.75
C GLY B 21 49.65 -7.83 -24.93
N GLY B 22 48.87 -8.05 -26.00
CA GLY B 22 47.73 -7.21 -26.27
C GLY B 22 46.69 -7.27 -25.17
N GLY B 23 46.46 -8.48 -24.65
CA GLY B 23 45.50 -8.65 -23.57
C GLY B 23 45.96 -7.89 -22.33
N GLY B 24 47.27 -7.88 -22.11
CA GLY B 24 47.83 -7.18 -20.97
C GLY B 24 47.59 -5.68 -21.11
N ASN B 25 47.79 -5.16 -22.31
CA ASN B 25 47.59 -3.73 -22.55
C ASN B 25 46.13 -3.35 -22.39
N ALA B 26 45.24 -4.23 -22.85
CA ALA B 26 43.81 -3.96 -22.75
C ALA B 26 43.42 -3.85 -21.28
N VAL B 27 43.88 -4.81 -20.49
CA VAL B 27 43.59 -4.84 -19.07
C VAL B 27 44.22 -3.65 -18.34
N ASN B 28 45.44 -3.30 -18.72
CA ASN B 28 46.08 -2.16 -18.06
C ASN B 28 45.29 -0.89 -18.35
N HIS B 29 44.69 -0.82 -19.54
CA HIS B 29 43.88 0.33 -19.88
C HIS B 29 42.63 0.31 -18.99
N MET B 30 42.01 -0.86 -18.85
CA MET B 30 40.82 -0.99 -18.02
C MET B 30 41.07 -0.52 -16.60
N ALA B 31 42.23 -0.90 -16.07
CA ALA B 31 42.60 -0.53 -14.71
C ALA B 31 42.83 0.97 -14.50
N LYS B 32 43.24 1.68 -15.55
CA LYS B 32 43.50 3.10 -15.46
C LYS B 32 42.32 3.97 -15.86
N ASN B 33 41.24 3.34 -16.29
CA ASN B 33 40.06 4.08 -16.66
C ASN B 33 38.95 3.73 -15.69
N ASN B 34 37.73 3.61 -16.19
CA ASN B 34 36.63 3.28 -15.30
C ASN B 34 36.78 1.79 -15.01
N VAL B 35 35.74 1.01 -15.28
CA VAL B 35 35.81 -0.41 -15.01
C VAL B 35 36.07 -0.63 -13.52
N GLU B 36 35.03 -0.42 -12.72
CA GLU B 36 35.12 -0.59 -11.29
C GLU B 36 34.50 -1.92 -10.90
N GLY B 37 34.72 -2.34 -9.66
CA GLY B 37 34.13 -3.59 -9.20
C GLY B 37 34.66 -4.88 -9.79
N VAL B 38 35.81 -4.85 -10.43
CA VAL B 38 36.39 -6.08 -10.99
C VAL B 38 37.86 -6.23 -10.61
N GLU B 39 38.31 -7.48 -10.53
CA GLU B 39 39.70 -7.77 -10.19
C GLU B 39 40.45 -7.99 -11.51
N PHE B 40 41.59 -7.31 -11.69
CA PHE B 40 42.35 -7.44 -12.92
C PHE B 40 43.54 -8.36 -12.78
N ILE B 41 43.71 -9.22 -13.78
CA ILE B 41 44.82 -10.17 -13.80
C ILE B 41 45.46 -10.23 -15.19
N CYS B 42 46.79 -10.16 -15.23
CA CYS B 42 47.50 -10.27 -16.50
C CYS B 42 48.21 -11.61 -16.48
N ALA B 43 47.89 -12.44 -17.47
CA ALA B 43 48.50 -13.75 -17.62
C ALA B 43 49.36 -13.70 -18.88
N ASN B 44 50.64 -14.00 -18.74
CA ASN B 44 51.56 -13.92 -19.87
C ASN B 44 52.75 -14.87 -19.66
N THR B 45 53.39 -15.25 -20.76
CA THR B 45 54.55 -16.13 -20.74
C THR B 45 55.80 -15.27 -20.72
N ASP B 46 55.61 -14.00 -21.11
CA ASP B 46 56.67 -12.98 -21.16
C ASP B 46 56.78 -12.35 -19.76
N ALA B 47 57.75 -12.80 -18.97
CA ALA B 47 57.93 -12.30 -17.62
C ALA B 47 58.24 -10.82 -17.60
N GLN B 48 58.89 -10.33 -18.67
CA GLN B 48 59.25 -8.94 -18.72
C GLN B 48 58.02 -8.05 -18.89
N ALA B 49 56.98 -8.56 -19.55
CA ALA B 49 55.78 -7.77 -19.75
C ALA B 49 54.92 -7.70 -18.48
N LEU B 50 55.21 -8.55 -17.51
CA LEU B 50 54.43 -8.57 -16.27
C LEU B 50 54.95 -7.67 -15.16
N LYS B 51 55.99 -6.89 -15.46
CA LYS B 51 56.60 -6.01 -14.47
C LYS B 51 56.04 -4.59 -14.37
N ASN B 52 56.07 -3.86 -15.47
CA ASN B 52 55.59 -2.48 -15.47
C ASN B 52 54.13 -2.33 -15.89
N ILE B 53 53.23 -2.98 -15.17
CA ILE B 53 51.82 -2.91 -15.48
C ILE B 53 50.97 -2.46 -14.30
N ALA B 54 49.75 -2.00 -14.59
CA ALA B 54 48.85 -1.51 -13.56
C ALA B 54 48.06 -2.58 -12.80
N ALA B 55 47.83 -3.72 -13.44
CA ALA B 55 47.07 -4.79 -12.79
C ALA B 55 47.81 -5.18 -11.52
N ARG B 56 47.06 -5.51 -10.48
CA ARG B 56 47.65 -5.88 -9.20
C ARG B 56 48.04 -7.35 -9.13
N THR B 57 47.35 -8.18 -9.91
CA THR B 57 47.62 -9.61 -9.92
C THR B 57 48.26 -10.02 -11.25
N VAL B 58 49.27 -10.87 -11.20
CA VAL B 58 49.91 -11.35 -12.40
C VAL B 58 50.06 -12.87 -12.31
N LEU B 59 50.07 -13.51 -13.48
CA LEU B 59 50.24 -14.95 -13.56
C LEU B 59 51.16 -15.27 -14.74
N GLN B 60 52.40 -15.61 -14.42
CA GLN B 60 53.37 -15.95 -15.45
C GLN B 60 53.05 -17.37 -15.90
N LEU B 61 52.62 -17.52 -17.15
CA LEU B 61 52.28 -18.82 -17.68
C LEU B 61 53.50 -19.63 -18.13
N GLY B 62 53.47 -20.94 -17.83
CA GLY B 62 54.54 -21.85 -18.22
C GLY B 62 55.99 -21.44 -18.05
N PRO B 63 56.44 -21.25 -16.80
CA PRO B 63 57.83 -20.86 -16.50
C PRO B 63 58.77 -21.94 -17.02
N GLY B 64 58.31 -23.18 -16.98
CA GLY B 64 59.11 -24.29 -17.43
C GLY B 64 59.18 -24.44 -18.93
N VAL B 65 58.10 -24.10 -19.62
CA VAL B 65 58.07 -24.20 -21.07
C VAL B 65 58.77 -23.05 -21.79
N THR B 66 58.39 -21.83 -21.46
CA THR B 66 58.94 -20.64 -22.09
C THR B 66 60.07 -20.00 -21.31
N LYS B 67 60.23 -20.45 -20.07
CA LYS B 67 61.28 -19.92 -19.22
C LYS B 67 61.17 -18.39 -19.10
N GLY B 68 59.94 -17.91 -19.20
CA GLY B 68 59.66 -16.48 -19.09
C GLY B 68 60.04 -15.59 -20.26
N LEU B 69 60.27 -16.18 -21.42
CA LEU B 69 60.67 -15.43 -22.61
C LEU B 69 59.58 -15.17 -23.65
N GLY B 70 58.35 -15.56 -23.36
CA GLY B 70 57.29 -15.33 -24.33
C GLY B 70 57.08 -16.57 -25.17
N ALA B 71 56.06 -16.54 -26.01
CA ALA B 71 55.74 -17.69 -26.85
C ALA B 71 56.28 -17.59 -28.27
N GLY B 72 56.86 -16.45 -28.60
CA GLY B 72 57.40 -16.28 -29.94
C GLY B 72 56.32 -16.32 -31.01
N ALA B 73 55.10 -15.91 -30.67
CA ALA B 73 53.99 -15.88 -31.64
C ALA B 73 53.49 -17.25 -32.13
N ASN B 74 53.97 -18.32 -31.51
CA ASN B 74 53.53 -19.67 -31.87
C ASN B 74 52.42 -20.09 -30.89
N PRO B 75 51.18 -20.19 -31.36
CA PRO B 75 50.09 -20.57 -30.46
C PRO B 75 50.31 -21.89 -29.72
N GLU B 76 51.00 -22.83 -30.36
CA GLU B 76 51.25 -24.11 -29.70
C GLU B 76 52.01 -23.91 -28.40
N VAL B 77 52.98 -22.99 -28.41
CA VAL B 77 53.75 -22.72 -27.20
C VAL B 77 52.86 -22.08 -26.14
N GLY B 78 51.94 -21.21 -26.58
CA GLY B 78 51.04 -20.56 -25.64
C GLY B 78 50.16 -21.61 -24.96
N ARG B 79 49.70 -22.57 -25.74
CA ARG B 79 48.86 -23.64 -25.22
C ARG B 79 49.64 -24.52 -24.24
N GLN B 80 50.87 -24.87 -24.59
CA GLN B 80 51.67 -25.71 -23.71
C GLN B 80 52.00 -24.99 -22.41
N ALA B 81 52.17 -23.67 -22.47
CA ALA B 81 52.45 -22.92 -21.25
C ALA B 81 51.22 -22.94 -20.34
N ALA B 82 50.04 -22.76 -20.93
CA ALA B 82 48.81 -22.75 -20.17
C ALA B 82 48.56 -24.15 -19.57
N LEU B 83 48.75 -25.19 -20.38
CA LEU B 83 48.57 -26.56 -19.88
C LEU B 83 49.47 -26.79 -18.67
N GLU B 84 50.69 -26.27 -18.72
CA GLU B 84 51.60 -26.42 -17.59
C GLU B 84 51.04 -25.83 -16.30
N ASP B 85 50.43 -24.65 -16.41
CA ASP B 85 49.89 -23.97 -15.23
C ASP B 85 48.38 -24.08 -15.03
N ARG B 86 47.77 -25.16 -15.51
CA ARG B 86 46.34 -25.35 -15.37
C ARG B 86 45.93 -25.15 -13.91
N GLU B 87 46.81 -25.59 -13.01
CA GLU B 87 46.58 -25.50 -11.58
C GLU B 87 46.60 -24.05 -11.08
N ARG B 88 47.63 -23.30 -11.47
CA ARG B 88 47.74 -21.92 -11.04
C ARG B 88 46.61 -21.09 -11.62
N ILE B 89 46.08 -21.52 -12.77
CA ILE B 89 44.98 -20.82 -13.39
C ILE B 89 43.73 -20.99 -12.54
N SER B 90 43.47 -22.21 -12.08
CA SER B 90 42.30 -22.47 -11.26
C SER B 90 42.41 -21.69 -9.96
N GLU B 91 43.62 -21.56 -9.42
CA GLU B 91 43.83 -20.83 -8.18
C GLU B 91 43.45 -19.36 -8.36
N VAL B 92 43.85 -18.79 -9.50
CA VAL B 92 43.56 -17.39 -9.81
C VAL B 92 42.08 -17.12 -10.04
N LEU B 93 41.39 -18.10 -10.64
CA LEU B 93 39.96 -17.97 -10.92
C LEU B 93 39.08 -18.34 -9.74
N GLU B 94 39.64 -19.09 -8.79
CA GLU B 94 38.91 -19.55 -7.62
C GLU B 94 38.08 -18.46 -6.94
N GLY B 95 36.79 -18.74 -6.74
CA GLY B 95 35.93 -17.79 -6.08
C GLY B 95 35.19 -16.81 -6.98
N ALA B 96 35.57 -16.77 -8.25
CA ALA B 96 34.92 -15.87 -9.19
C ALA B 96 33.54 -16.39 -9.57
N ASP B 97 32.60 -15.45 -9.78
CA ASP B 97 31.25 -15.81 -10.19
C ASP B 97 31.18 -15.50 -11.68
N MET B 98 32.14 -14.71 -12.16
CA MET B 98 32.19 -14.36 -13.58
C MET B 98 33.62 -14.03 -14.01
N VAL B 99 33.97 -14.46 -15.22
CA VAL B 99 35.30 -14.18 -15.71
C VAL B 99 35.25 -13.62 -17.13
N PHE B 100 36.02 -12.56 -17.35
CA PHE B 100 36.12 -11.97 -18.67
C PHE B 100 37.54 -12.34 -19.09
N ILE B 101 37.67 -12.88 -20.29
CA ILE B 101 38.97 -13.26 -20.80
C ILE B 101 39.16 -12.38 -22.02
N THR B 102 40.20 -11.57 -22.00
CA THR B 102 40.43 -10.70 -23.13
C THR B 102 41.82 -10.90 -23.68
N THR B 103 41.91 -10.95 -25.00
CA THR B 103 43.20 -11.15 -25.62
C THR B 103 43.16 -10.69 -27.05
N GLY B 104 44.35 -10.47 -27.61
CA GLY B 104 44.42 -10.10 -29.00
C GLY B 104 44.72 -11.41 -29.70
N MET B 105 43.75 -11.94 -30.42
CA MET B 105 43.97 -13.20 -31.13
C MET B 105 44.96 -12.97 -32.29
N GLY B 106 45.88 -13.91 -32.49
CA GLY B 106 46.83 -13.76 -33.57
C GLY B 106 48.26 -13.96 -33.13
N GLY B 107 48.51 -13.91 -31.83
CA GLY B 107 49.85 -14.08 -31.32
C GLY B 107 50.07 -15.51 -30.85
N GLY B 108 51.04 -15.70 -29.97
CA GLY B 108 51.30 -17.05 -29.48
C GLY B 108 50.67 -17.30 -28.12
N THR B 109 50.94 -16.41 -27.17
CA THR B 109 50.41 -16.58 -25.83
C THR B 109 48.90 -16.51 -25.77
N GLY B 110 48.34 -15.38 -26.21
CA GLY B 110 46.91 -15.19 -26.19
C GLY B 110 46.06 -16.21 -26.93
N THR B 111 46.32 -16.44 -28.20
CA THR B 111 45.50 -17.40 -28.93
C THR B 111 45.70 -18.83 -28.48
N GLY B 112 46.86 -19.12 -27.89
CA GLY B 112 47.12 -20.48 -27.43
C GLY B 112 46.67 -20.74 -26.01
N ALA B 113 46.85 -19.77 -25.12
CA ALA B 113 46.48 -19.93 -23.72
C ALA B 113 45.04 -19.58 -23.38
N ALA B 114 44.45 -18.61 -24.09
CA ALA B 114 43.07 -18.21 -23.76
C ALA B 114 42.07 -19.38 -23.71
N PRO B 115 42.07 -20.25 -24.72
CA PRO B 115 41.13 -21.39 -24.71
C PRO B 115 41.33 -22.30 -23.50
N ILE B 116 42.59 -22.48 -23.08
CA ILE B 116 42.87 -23.33 -21.93
C ILE B 116 42.34 -22.70 -20.64
N ILE B 117 42.55 -21.39 -20.49
CA ILE B 117 42.08 -20.68 -19.31
C ILE B 117 40.55 -20.77 -19.26
N ALA B 118 39.92 -20.64 -20.43
CA ALA B 118 38.47 -20.73 -20.54
C ALA B 118 38.00 -22.12 -20.09
N GLU B 119 38.72 -23.15 -20.50
CA GLU B 119 38.36 -24.52 -20.12
C GLU B 119 38.35 -24.65 -18.60
N VAL B 120 39.41 -24.17 -17.95
CA VAL B 120 39.49 -24.23 -16.50
C VAL B 120 38.29 -23.50 -15.86
N ALA B 121 37.97 -22.32 -16.38
CA ALA B 121 36.85 -21.55 -15.86
C ALA B 121 35.55 -22.34 -16.04
N LYS B 122 35.41 -22.96 -17.20
CA LYS B 122 34.24 -23.76 -17.51
C LYS B 122 34.10 -24.94 -16.55
N GLU B 123 35.22 -25.59 -16.24
CA GLU B 123 35.22 -26.74 -15.34
C GLU B 123 34.76 -26.35 -13.93
N MET B 124 35.11 -25.13 -13.53
CA MET B 124 34.75 -24.64 -12.22
C MET B 124 33.33 -24.10 -12.20
N GLY B 125 32.68 -24.11 -13.35
CA GLY B 125 31.32 -23.61 -13.44
C GLY B 125 31.20 -22.09 -13.38
N ILE B 126 32.25 -21.39 -13.78
CA ILE B 126 32.24 -19.92 -13.77
C ILE B 126 31.71 -19.34 -15.08
N LEU B 127 30.79 -18.38 -14.98
CA LEU B 127 30.25 -17.71 -16.17
C LEU B 127 31.45 -17.07 -16.85
N THR B 128 31.71 -17.46 -18.09
CA THR B 128 32.86 -16.95 -18.82
C THR B 128 32.52 -16.20 -20.08
N VAL B 129 32.97 -14.94 -20.13
CA VAL B 129 32.75 -14.09 -21.29
C VAL B 129 34.09 -13.68 -21.87
N ALA B 130 34.30 -13.97 -23.14
CA ALA B 130 35.55 -13.59 -23.77
C ALA B 130 35.29 -12.41 -24.70
N VAL B 131 36.18 -11.44 -24.63
CA VAL B 131 36.10 -10.25 -25.46
C VAL B 131 37.49 -10.16 -26.07
N VAL B 132 37.57 -10.52 -27.35
CA VAL B 132 38.86 -10.53 -28.04
C VAL B 132 38.81 -9.82 -29.39
N THR B 133 39.99 -9.55 -29.94
CA THR B 133 40.08 -8.89 -31.23
C THR B 133 40.71 -9.80 -32.28
N ARG B 134 40.43 -9.50 -33.54
CA ARG B 134 41.03 -10.20 -34.67
C ARG B 134 42.07 -9.17 -35.11
N PRO B 135 43.24 -9.62 -35.57
CA PRO B 135 44.32 -8.72 -36.02
C PRO B 135 43.89 -7.67 -37.03
N PHE B 136 44.66 -6.59 -37.13
CA PHE B 136 44.40 -5.55 -38.11
C PHE B 136 44.99 -6.14 -39.38
N PRO B 137 44.40 -5.85 -40.54
CA PRO B 137 45.00 -6.42 -41.75
C PRO B 137 46.47 -6.05 -41.94
N PHE B 138 46.90 -4.91 -41.40
CA PHE B 138 48.30 -4.52 -41.56
C PHE B 138 49.25 -5.41 -40.79
N GLU B 139 48.71 -6.36 -40.04
CA GLU B 139 49.56 -7.25 -39.27
C GLU B 139 49.95 -8.51 -40.05
N GLY B 140 49.27 -8.77 -41.16
CA GLY B 140 49.61 -9.93 -41.97
C GLY B 140 48.68 -11.13 -41.93
N ARG B 141 48.81 -11.99 -42.94
CA ARG B 141 48.00 -13.19 -43.09
C ARG B 141 48.29 -14.26 -42.05
N LYS B 142 49.55 -14.38 -41.64
CA LYS B 142 49.92 -15.39 -40.66
C LYS B 142 49.12 -15.24 -39.36
N ARG B 143 49.19 -14.05 -38.77
CA ARG B 143 48.47 -13.78 -37.53
C ARG B 143 46.96 -13.96 -37.69
N MET B 144 46.42 -13.48 -38.80
CA MET B 144 45.00 -13.58 -39.06
C MET B 144 44.57 -15.05 -39.10
N GLN B 145 45.38 -15.88 -39.74
CA GLN B 145 45.11 -17.31 -39.86
C GLN B 145 45.16 -17.95 -38.48
N ILE B 146 46.17 -17.58 -37.70
CA ILE B 146 46.34 -18.09 -36.35
C ILE B 146 45.15 -17.66 -35.50
N ALA B 147 44.70 -16.42 -35.69
CA ALA B 147 43.57 -15.89 -34.95
C ALA B 147 42.29 -16.66 -35.24
N ASP B 148 42.06 -16.98 -36.51
CA ASP B 148 40.86 -17.71 -36.89
C ASP B 148 40.79 -19.06 -36.20
N GLU B 149 41.89 -19.80 -36.24
CA GLU B 149 41.93 -21.11 -35.61
C GLU B 149 41.66 -20.97 -34.11
N GLY B 150 42.29 -19.97 -33.49
CA GLY B 150 42.11 -19.75 -32.08
C GLY B 150 40.70 -19.37 -31.65
N ILE B 151 40.02 -18.58 -32.46
CA ILE B 151 38.67 -18.17 -32.12
C ILE B 151 37.72 -19.36 -32.13
N ARG B 152 38.04 -20.37 -32.94
CA ARG B 152 37.24 -21.57 -33.02
C ARG B 152 37.41 -22.37 -31.74
N ALA B 153 38.65 -22.50 -31.30
CA ALA B 153 38.96 -23.24 -30.08
C ALA B 153 38.37 -22.54 -28.86
N LEU B 154 38.52 -21.22 -28.80
CA LEU B 154 38.01 -20.44 -27.68
C LEU B 154 36.49 -20.56 -27.59
N ALA B 155 35.83 -20.38 -28.72
CA ALA B 155 34.37 -20.45 -28.78
C ALA B 155 33.76 -21.72 -28.16
N GLU B 156 34.52 -22.80 -28.17
CA GLU B 156 34.02 -24.06 -27.61
C GLU B 156 34.05 -24.12 -26.09
N SER B 157 34.72 -23.17 -25.44
CA SER B 157 34.81 -23.22 -23.99
C SER B 157 34.35 -21.99 -23.22
N VAL B 158 33.67 -21.07 -23.89
CA VAL B 158 33.19 -19.86 -23.22
C VAL B 158 31.69 -19.72 -23.41
N ASP B 159 31.01 -19.12 -22.44
CA ASP B 159 29.57 -18.91 -22.52
C ASP B 159 29.21 -17.93 -23.63
N SER B 160 29.96 -16.84 -23.72
CA SER B 160 29.74 -15.84 -24.76
C SER B 160 31.08 -15.37 -25.30
N LEU B 161 31.15 -15.15 -26.61
CA LEU B 161 32.37 -14.72 -27.24
C LEU B 161 32.16 -13.53 -28.13
N ILE B 162 32.75 -12.40 -27.73
CA ILE B 162 32.67 -11.18 -28.53
C ILE B 162 33.98 -11.09 -29.28
N THR B 163 33.90 -11.16 -30.60
CA THR B 163 35.11 -11.09 -31.42
C THR B 163 35.14 -9.75 -32.14
N ILE B 164 35.99 -8.85 -31.65
CA ILE B 164 36.09 -7.54 -32.25
C ILE B 164 37.12 -7.47 -33.36
N PRO B 165 36.67 -7.19 -34.59
CA PRO B 165 37.58 -7.10 -35.74
C PRO B 165 38.26 -5.74 -35.77
N ASN B 166 39.55 -5.71 -35.46
CA ASN B 166 40.31 -4.46 -35.43
C ASN B 166 40.14 -3.65 -36.71
N GLU B 167 39.97 -4.33 -37.82
CA GLU B 167 39.79 -3.67 -39.11
C GLU B 167 38.74 -2.57 -39.01
N LYS B 168 37.62 -2.87 -38.36
CA LYS B 168 36.53 -1.91 -38.20
C LYS B 168 36.98 -0.68 -37.43
N LEU B 169 37.86 -0.88 -36.46
CA LEU B 169 38.36 0.21 -35.64
C LEU B 169 39.23 1.16 -36.44
N LEU B 170 40.04 0.60 -37.33
CA LEU B 170 40.93 1.40 -38.17
C LEU B 170 40.08 2.31 -39.03
N THR B 171 38.90 1.83 -39.40
CA THR B 171 37.97 2.59 -40.22
C THR B 171 37.36 3.71 -39.38
N ILE B 172 36.94 3.36 -38.17
CA ILE B 172 36.32 4.32 -37.25
C ILE B 172 37.28 5.45 -36.88
N LEU B 173 38.59 5.19 -36.97
CA LEU B 173 39.59 6.21 -36.63
C LEU B 173 39.90 7.19 -37.76
N GLY B 174 39.69 6.76 -39.00
CA GLY B 174 39.95 7.64 -40.13
C GLY B 174 41.40 8.07 -40.26
N LYS B 175 41.64 9.37 -40.30
CA LYS B 175 42.99 9.92 -40.42
C LYS B 175 43.75 9.95 -39.10
N ASP B 176 43.00 10.00 -37.99
CA ASP B 176 43.63 10.02 -36.67
C ASP B 176 44.31 8.68 -36.42
N ALA B 177 44.08 7.74 -37.34
CA ALA B 177 44.65 6.42 -37.24
C ALA B 177 46.16 6.43 -37.26
N SER B 178 46.75 5.86 -36.23
CA SER B 178 48.19 5.73 -36.12
C SER B 178 48.35 4.35 -35.52
N LEU B 179 49.57 3.80 -35.56
CA LEU B 179 49.79 2.48 -35.01
C LEU B 179 49.35 2.50 -33.54
N LEU B 180 49.81 3.49 -32.80
CA LEU B 180 49.47 3.62 -31.38
C LEU B 180 47.99 3.90 -31.14
N ALA B 181 47.41 4.77 -31.94
CA ALA B 181 46.00 5.10 -31.77
C ALA B 181 45.09 3.92 -32.06
N ALA B 182 45.48 3.11 -33.04
CA ALA B 182 44.70 1.94 -33.42
C ALA B 182 44.58 0.94 -32.27
N PHE B 183 45.71 0.62 -31.64
CA PHE B 183 45.70 -0.32 -30.53
C PHE B 183 45.06 0.28 -29.28
N ALA B 184 45.12 1.61 -29.17
CA ALA B 184 44.51 2.30 -28.03
C ALA B 184 43.00 2.21 -28.23
N LYS B 185 42.56 2.32 -29.47
CA LYS B 185 41.14 2.24 -29.77
C LYS B 185 40.66 0.84 -29.39
N ALA B 186 41.44 -0.18 -29.75
CA ALA B 186 41.08 -1.56 -29.42
C ALA B 186 40.98 -1.71 -27.90
N ASP B 187 41.96 -1.18 -27.17
CA ASP B 187 41.95 -1.25 -25.71
C ASP B 187 40.66 -0.64 -25.21
N ASP B 188 40.35 0.53 -25.73
CA ASP B 188 39.17 1.27 -25.32
C ASP B 188 37.86 0.55 -25.63
N VAL B 189 37.78 -0.10 -26.79
CA VAL B 189 36.58 -0.82 -27.14
C VAL B 189 36.43 -2.04 -26.23
N LEU B 190 37.55 -2.70 -25.93
CA LEU B 190 37.51 -3.86 -25.05
C LEU B 190 37.02 -3.46 -23.67
N ALA B 191 37.51 -2.32 -23.19
CA ALA B 191 37.12 -1.83 -21.88
C ALA B 191 35.62 -1.56 -21.87
N GLY B 192 35.12 -1.02 -22.98
CA GLY B 192 33.71 -0.72 -23.09
C GLY B 192 32.83 -1.95 -22.99
N ALA B 193 33.33 -3.07 -23.49
CA ALA B 193 32.58 -4.32 -23.43
C ALA B 193 32.50 -4.79 -21.98
N VAL B 194 33.66 -4.91 -21.35
CA VAL B 194 33.73 -5.36 -19.97
C VAL B 194 32.90 -4.44 -19.07
N ARG B 195 33.22 -3.14 -19.09
CA ARG B 195 32.51 -2.17 -18.27
C ARG B 195 30.99 -2.16 -18.48
N GLY B 196 30.57 -2.21 -19.75
CA GLY B 196 29.15 -2.20 -20.05
C GLY B 196 28.40 -3.31 -19.35
N ILE B 197 28.96 -4.51 -19.37
CA ILE B 197 28.33 -5.65 -18.74
C ILE B 197 28.51 -5.68 -17.23
N SER B 198 29.74 -5.44 -16.77
CA SER B 198 30.03 -5.48 -15.34
C SER B 198 29.35 -4.38 -14.51
N ASP B 199 29.17 -3.19 -15.07
CA ASP B 199 28.50 -2.11 -14.34
C ASP B 199 27.06 -2.51 -14.02
N ILE B 200 26.42 -3.23 -14.95
CA ILE B 200 25.04 -3.67 -14.72
C ILE B 200 25.01 -4.57 -13.49
N ILE B 201 26.05 -5.39 -13.34
CA ILE B 201 26.13 -6.31 -12.22
C ILE B 201 26.59 -5.65 -10.94
N LYS B 202 27.62 -4.82 -11.05
CA LYS B 202 28.21 -4.16 -9.89
C LYS B 202 27.67 -2.80 -9.47
N ARG B 203 27.11 -2.04 -10.42
CA ARG B 203 26.60 -0.71 -10.13
C ARG B 203 25.20 -0.44 -10.68
N PRO B 204 24.27 -1.40 -10.53
CA PRO B 204 22.93 -1.13 -11.07
C PRO B 204 22.25 0.06 -10.38
N GLY B 205 21.63 0.93 -11.15
CA GLY B 205 20.96 2.08 -10.57
C GLY B 205 19.51 1.72 -10.26
N MET B 206 19.02 0.71 -10.95
CA MET B 206 17.66 0.22 -10.77
C MET B 206 17.75 -1.18 -10.17
N ILE B 207 16.61 -1.71 -9.75
CA ILE B 207 16.57 -3.03 -9.14
C ILE B 207 15.89 -4.08 -9.99
N ASN B 208 15.65 -3.78 -11.27
CA ASN B 208 14.98 -4.72 -12.15
C ASN B 208 15.88 -5.79 -12.78
N VAL B 209 17.19 -5.55 -12.80
CA VAL B 209 18.12 -6.50 -13.40
C VAL B 209 19.17 -6.96 -12.39
N ASP B 210 19.16 -8.24 -12.07
CA ASP B 210 20.13 -8.80 -11.12
C ASP B 210 21.13 -9.66 -11.87
N PHE B 211 22.11 -10.22 -11.15
CA PHE B 211 23.11 -11.06 -11.79
C PHE B 211 22.48 -12.23 -12.54
N ALA B 212 21.48 -12.86 -11.92
CA ALA B 212 20.80 -13.98 -12.55
C ALA B 212 20.25 -13.59 -13.92
N ASP B 213 19.80 -12.35 -14.07
CA ASP B 213 19.28 -11.88 -15.35
C ASP B 213 20.39 -11.84 -16.38
N VAL B 214 21.53 -11.27 -15.97
CA VAL B 214 22.65 -11.17 -16.87
C VAL B 214 23.08 -12.56 -17.30
N LYS B 215 23.15 -13.50 -16.37
CA LYS B 215 23.52 -14.87 -16.72
C LYS B 215 22.61 -15.42 -17.81
N THR B 216 21.31 -15.22 -17.65
CA THR B 216 20.34 -15.69 -18.62
C THR B 216 20.70 -15.26 -20.04
N VAL B 217 21.15 -14.02 -20.18
CA VAL B 217 21.53 -13.45 -21.46
C VAL B 217 22.91 -13.91 -21.95
N MET B 218 23.80 -14.16 -20.99
CA MET B 218 25.18 -14.54 -21.27
C MET B 218 25.52 -16.03 -21.31
N SER B 219 24.90 -16.82 -20.44
CA SER B 219 25.20 -18.25 -20.34
C SER B 219 24.98 -19.11 -21.58
N GLU B 220 25.94 -20.00 -21.85
CA GLU B 220 25.89 -20.90 -23.00
C GLU B 220 25.18 -20.28 -24.22
N MET B 221 25.53 -19.04 -24.53
CA MET B 221 24.90 -18.33 -25.65
C MET B 221 25.67 -18.47 -26.96
N GLY B 222 27.00 -18.42 -26.88
CA GLY B 222 27.81 -18.53 -28.08
C GLY B 222 28.42 -17.24 -28.56
N MET B 223 28.28 -16.96 -29.85
CA MET B 223 28.85 -15.77 -30.47
C MET B 223 28.04 -14.53 -30.07
N ALA B 224 28.75 -13.43 -29.82
CA ALA B 224 28.11 -12.18 -29.44
C ALA B 224 28.84 -10.98 -30.01
N MET B 225 28.18 -9.83 -30.01
CA MET B 225 28.79 -8.60 -30.49
C MET B 225 28.13 -7.42 -29.79
N MET B 226 28.85 -6.30 -29.73
CA MET B 226 28.30 -5.13 -29.06
C MET B 226 28.51 -3.82 -29.81
N GLY B 227 27.57 -2.91 -29.61
CA GLY B 227 27.65 -1.59 -30.24
C GLY B 227 27.42 -0.55 -29.17
N THR B 228 28.12 0.58 -29.26
CA THR B 228 27.98 1.65 -28.29
C THR B 228 27.62 2.98 -28.93
N GLY B 229 26.86 3.79 -28.20
CA GLY B 229 26.45 5.08 -28.70
C GLY B 229 26.31 6.06 -27.55
N CYS B 230 26.47 7.35 -27.85
CA CYS B 230 26.36 8.38 -26.83
C CYS B 230 25.80 9.65 -27.44
N ALA B 231 24.98 10.35 -26.68
CA ALA B 231 24.39 11.59 -27.15
C ALA B 231 24.12 12.53 -25.98
N SER B 232 23.87 13.79 -26.30
CA SER B 232 23.58 14.81 -25.32
C SER B 232 22.39 15.60 -25.84
N GLY B 233 21.78 16.42 -25.00
CA GLY B 233 20.65 17.20 -25.45
C GLY B 233 19.28 16.53 -25.40
N PRO B 234 18.23 17.22 -25.85
CA PRO B 234 16.81 16.82 -25.90
C PRO B 234 16.41 15.42 -26.38
N ASN B 235 17.05 14.90 -27.41
CA ASN B 235 16.67 13.57 -27.90
C ASN B 235 17.77 12.53 -27.72
N ARG B 236 18.65 12.78 -26.76
CA ARG B 236 19.78 11.90 -26.48
C ARG B 236 19.40 10.43 -26.29
N ALA B 237 18.22 10.17 -25.73
CA ALA B 237 17.79 8.79 -25.52
C ALA B 237 17.73 8.05 -26.84
N ARG B 238 17.03 8.64 -27.80
CA ARG B 238 16.88 8.03 -29.13
C ARG B 238 18.20 8.05 -29.88
N GLU B 239 18.89 9.18 -29.82
CA GLU B 239 20.16 9.35 -30.51
C GLU B 239 21.22 8.36 -30.06
N ALA B 240 21.38 8.21 -28.75
CA ALA B 240 22.37 7.28 -28.22
C ALA B 240 22.04 5.83 -28.57
N THR B 241 20.76 5.48 -28.49
CA THR B 241 20.34 4.11 -28.78
C THR B 241 20.50 3.79 -30.25
N GLU B 242 20.11 4.72 -31.12
CA GLU B 242 20.25 4.52 -32.55
C GLU B 242 21.73 4.43 -32.88
N ALA B 243 22.51 5.30 -32.25
CA ALA B 243 23.94 5.32 -32.47
C ALA B 243 24.58 3.99 -32.09
N ALA B 244 24.11 3.39 -30.99
CA ALA B 244 24.67 2.11 -30.56
C ALA B 244 24.32 1.01 -31.54
N ILE B 245 23.13 1.10 -32.13
CA ILE B 245 22.69 0.09 -33.07
C ILE B 245 23.37 0.24 -34.43
N ARG B 246 23.63 1.47 -34.84
CA ARG B 246 24.28 1.70 -36.13
C ARG B 246 25.79 1.75 -36.01
N ASN B 247 26.31 1.42 -34.83
CA ASN B 247 27.75 1.39 -34.59
C ASN B 247 28.31 0.33 -35.54
N PRO B 248 29.31 0.69 -36.35
CA PRO B 248 29.90 -0.28 -37.28
C PRO B 248 30.23 -1.66 -36.72
N LEU B 249 30.48 -1.75 -35.42
CA LEU B 249 30.79 -3.05 -34.82
C LEU B 249 29.56 -3.97 -34.89
N LEU B 250 28.37 -3.38 -35.06
CA LEU B 250 27.14 -4.14 -35.17
C LEU B 250 26.57 -4.12 -36.58
N GLU B 251 27.32 -3.54 -37.52
CA GLU B 251 26.91 -3.44 -38.92
C GLU B 251 26.27 -4.71 -39.45
N ASP B 252 27.11 -5.69 -39.78
CA ASP B 252 26.64 -6.95 -40.32
C ASP B 252 26.10 -7.87 -39.24
N VAL B 253 25.20 -7.35 -38.41
CA VAL B 253 24.59 -8.13 -37.34
C VAL B 253 23.08 -7.91 -37.32
N ASN B 254 22.33 -8.99 -37.42
CA ASN B 254 20.87 -8.91 -37.41
C ASN B 254 20.32 -9.07 -35.99
N LEU B 255 20.01 -7.95 -35.36
CA LEU B 255 19.48 -7.94 -34.00
C LEU B 255 18.32 -8.91 -33.80
N GLN B 256 17.46 -9.04 -34.80
CA GLN B 256 16.31 -9.93 -34.69
C GLN B 256 16.70 -11.40 -34.59
N GLY B 257 17.95 -11.71 -34.94
CA GLY B 257 18.41 -13.09 -34.88
C GLY B 257 19.12 -13.46 -33.60
N ALA B 258 19.34 -12.47 -32.74
CA ALA B 258 20.03 -12.67 -31.47
C ALA B 258 19.11 -13.27 -30.40
N ARG B 259 19.58 -14.32 -29.75
CA ARG B 259 18.82 -14.98 -28.71
C ARG B 259 18.70 -14.09 -27.47
N GLY B 260 19.76 -13.34 -27.18
CA GLY B 260 19.74 -12.46 -26.03
C GLY B 260 20.21 -11.04 -26.32
N ILE B 261 19.68 -10.08 -25.58
CA ILE B 261 20.04 -8.68 -25.75
C ILE B 261 20.26 -8.04 -24.39
N LEU B 262 21.49 -7.63 -24.11
CA LEU B 262 21.79 -6.97 -22.84
C LEU B 262 22.06 -5.50 -23.17
N VAL B 263 21.33 -4.61 -22.51
CA VAL B 263 21.48 -3.18 -22.76
C VAL B 263 21.87 -2.41 -21.51
N ASN B 264 22.95 -1.64 -21.63
CA ASN B 264 23.43 -0.82 -20.52
C ASN B 264 23.17 0.64 -20.82
N ILE B 265 22.38 1.29 -19.98
CA ILE B 265 22.12 2.72 -20.13
C ILE B 265 22.93 3.36 -19.01
N THR B 266 23.83 4.27 -19.35
CA THR B 266 24.63 4.95 -18.34
C THR B 266 24.40 6.44 -18.51
N ALA B 267 23.93 7.08 -17.45
CA ALA B 267 23.67 8.52 -17.47
C ALA B 267 23.80 9.03 -16.06
N GLY B 268 23.77 10.35 -15.92
CA GLY B 268 23.87 10.96 -14.61
C GLY B 268 22.48 11.11 -14.00
N PRO B 269 22.34 11.85 -12.90
CA PRO B 269 21.06 12.07 -12.22
C PRO B 269 19.98 12.75 -13.06
N ASP B 270 20.33 13.21 -14.27
CA ASP B 270 19.34 13.86 -15.11
C ASP B 270 18.58 12.89 -16.00
N LEU B 271 18.83 11.59 -15.82
CA LEU B 271 18.12 10.58 -16.61
C LEU B 271 16.64 10.64 -16.25
N SER B 272 15.79 10.78 -17.26
CA SER B 272 14.34 10.84 -17.00
C SER B 272 13.69 9.48 -17.17
N LEU B 273 12.56 9.30 -16.50
CA LEU B 273 11.83 8.05 -16.56
C LEU B 273 11.40 7.84 -18.00
N GLY B 274 11.13 8.94 -18.71
CA GLY B 274 10.72 8.85 -20.10
C GLY B 274 11.86 8.33 -20.97
N GLU B 275 13.07 8.86 -20.75
CA GLU B 275 14.22 8.43 -21.53
C GLU B 275 14.49 6.94 -21.33
N TYR B 276 14.38 6.46 -20.10
CA TYR B 276 14.61 5.04 -19.84
C TYR B 276 13.63 4.21 -20.63
N SER B 277 12.42 4.76 -20.79
CA SER B 277 11.36 4.08 -21.52
C SER B 277 11.60 4.08 -23.03
N ASP B 278 12.12 5.19 -23.54
CA ASP B 278 12.40 5.29 -24.98
C ASP B 278 13.41 4.24 -25.41
N VAL B 279 14.48 4.09 -24.64
CA VAL B 279 15.51 3.10 -24.97
C VAL B 279 14.91 1.71 -25.16
N GLY B 280 14.17 1.26 -24.15
CA GLY B 280 13.54 -0.05 -24.22
C GLY B 280 12.54 -0.16 -25.35
N ASN B 281 11.95 0.96 -25.75
CA ASN B 281 10.98 0.96 -26.83
C ASN B 281 11.72 0.71 -28.14
N ILE B 282 12.78 1.47 -28.36
CA ILE B 282 13.58 1.34 -29.56
C ILE B 282 14.18 -0.04 -29.71
N ILE B 283 14.65 -0.61 -28.60
CA ILE B 283 15.26 -1.93 -28.62
C ILE B 283 14.26 -3.07 -28.83
N GLU B 284 13.12 -3.02 -28.15
CA GLU B 284 12.10 -4.06 -28.31
C GLU B 284 11.64 -4.07 -29.77
N GLN B 285 11.87 -2.94 -30.43
CA GLN B 285 11.51 -2.75 -31.83
C GLN B 285 12.43 -3.55 -32.76
N PHE B 286 13.68 -3.75 -32.35
CA PHE B 286 14.64 -4.50 -33.17
C PHE B 286 14.79 -5.95 -32.74
N ALA B 287 14.56 -6.24 -31.47
CA ALA B 287 14.70 -7.60 -30.97
C ALA B 287 13.48 -8.43 -31.35
N SER B 288 13.64 -9.75 -31.35
CA SER B 288 12.54 -10.65 -31.67
C SER B 288 11.74 -10.85 -30.39
N GLU B 289 10.48 -11.21 -30.52
CA GLU B 289 9.63 -11.44 -29.35
C GLU B 289 10.14 -12.62 -28.54
N HIS B 290 10.90 -13.50 -29.20
CA HIS B 290 11.44 -14.69 -28.54
C HIS B 290 12.80 -14.45 -27.89
N ALA B 291 13.39 -13.29 -28.14
CA ALA B 291 14.69 -12.96 -27.57
C ALA B 291 14.57 -12.49 -26.12
N THR B 292 15.57 -12.82 -25.31
CA THR B 292 15.59 -12.42 -23.91
C THR B 292 16.25 -11.04 -23.83
N VAL B 293 15.46 -10.02 -23.51
CA VAL B 293 15.97 -8.66 -23.43
C VAL B 293 16.06 -8.10 -22.01
N LYS B 294 17.26 -7.67 -21.65
CA LYS B 294 17.52 -7.10 -20.34
C LYS B 294 18.09 -5.70 -20.52
N VAL B 295 17.45 -4.71 -19.90
CA VAL B 295 17.91 -3.34 -19.99
C VAL B 295 18.31 -2.83 -18.61
N GLY B 296 19.61 -2.80 -18.36
CA GLY B 296 20.12 -2.34 -17.09
C GLY B 296 20.40 -0.85 -17.12
N THR B 297 20.31 -0.21 -15.96
CA THR B 297 20.56 1.21 -15.89
C THR B 297 21.60 1.50 -14.82
N VAL B 298 22.60 2.26 -15.21
CA VAL B 298 23.69 2.64 -14.33
C VAL B 298 23.71 4.16 -14.21
N ILE B 299 23.58 4.66 -13.00
CA ILE B 299 23.59 6.09 -12.80
C ILE B 299 24.94 6.54 -12.26
N ASP B 300 25.60 7.41 -13.02
CA ASP B 300 26.89 7.95 -12.59
C ASP B 300 26.54 9.25 -11.89
N ALA B 301 26.60 9.23 -10.56
CA ALA B 301 26.27 10.37 -9.72
C ALA B 301 26.73 11.73 -10.24
N ASP B 302 27.94 11.80 -10.78
CA ASP B 302 28.44 13.07 -11.27
C ASP B 302 28.55 13.21 -12.79
N MET B 303 27.59 12.63 -13.51
CA MET B 303 27.57 12.72 -14.96
C MET B 303 26.44 13.68 -15.34
N ARG B 304 26.56 14.37 -16.48
CA ARG B 304 25.53 15.33 -16.89
C ARG B 304 25.31 15.41 -18.41
N ASP B 305 24.05 15.60 -18.80
CA ASP B 305 23.69 15.76 -20.20
C ASP B 305 23.99 14.61 -21.15
N GLU B 306 25.11 13.93 -20.95
CA GLU B 306 25.45 12.82 -21.82
C GLU B 306 24.71 11.56 -21.37
N LEU B 307 24.29 10.76 -22.34
CA LEU B 307 23.59 9.51 -22.08
C LEU B 307 24.23 8.44 -22.96
N HIS B 308 24.79 7.42 -22.34
CA HIS B 308 25.46 6.34 -23.07
C HIS B 308 24.59 5.10 -23.14
N VAL B 309 24.64 4.42 -24.29
CA VAL B 309 23.89 3.20 -24.49
C VAL B 309 24.81 2.14 -25.09
N THR B 310 24.85 0.98 -24.46
CA THR B 310 25.67 -0.11 -24.96
C THR B 310 24.74 -1.29 -25.14
N VAL B 311 24.80 -1.89 -26.32
CA VAL B 311 23.98 -3.04 -26.61
C VAL B 311 24.87 -4.23 -26.93
N VAL B 312 24.63 -5.34 -26.24
CA VAL B 312 25.39 -6.55 -26.46
C VAL B 312 24.42 -7.61 -26.93
N ALA B 313 24.59 -8.06 -28.16
CA ALA B 313 23.72 -9.09 -28.73
C ALA B 313 24.40 -10.43 -28.53
N THR B 314 23.73 -11.33 -27.84
CA THR B 314 24.28 -12.65 -27.58
C THR B 314 23.50 -13.73 -28.33
N GLY B 315 24.14 -14.88 -28.50
CA GLY B 315 23.50 -15.98 -29.20
C GLY B 315 23.20 -15.57 -30.64
N LEU B 316 24.17 -14.94 -31.29
CA LEU B 316 24.01 -14.51 -32.66
C LEU B 316 23.75 -15.70 -33.58
N GLY B 317 22.95 -15.48 -34.62
CA GLY B 317 22.63 -16.54 -35.56
C GLY B 317 21.45 -17.39 -35.09
N PRO C 1 6.90 -10.50 16.07
CA PRO C 1 7.00 -10.55 17.56
C PRO C 1 6.27 -9.37 18.19
N ALA C 2 5.28 -9.67 19.03
CA ALA C 2 4.51 -8.62 19.70
C ALA C 2 5.45 -7.59 20.30
N ALA C 3 5.12 -6.31 20.11
CA ALA C 3 5.96 -5.24 20.64
C ALA C 3 5.36 -3.87 20.38
N PHE C 4 6.08 -2.84 20.84
CA PHE C 4 5.67 -1.47 20.66
C PHE C 4 6.54 -0.83 19.60
N SER C 5 5.89 -0.13 18.67
CA SER C 5 6.59 0.59 17.60
C SER C 5 6.01 1.99 17.57
N GLU C 6 6.80 2.96 17.10
CA GLU C 6 6.33 4.32 17.00
C GLU C 6 6.69 4.91 15.65
N LEU C 7 5.72 5.58 15.05
CA LEU C 7 5.90 6.21 13.75
C LEU C 7 5.60 7.69 13.92
N SER C 8 6.52 8.54 13.48
CA SER C 8 6.38 9.98 13.58
C SER C 8 6.43 10.62 12.21
N LEU C 9 5.57 11.60 11.98
CA LEU C 9 5.53 12.32 10.72
C LEU C 9 5.61 13.82 10.93
N SER C 10 6.58 14.45 10.27
CA SER C 10 6.76 15.90 10.38
C SER C 10 6.53 16.52 9.01
N GLY C 11 5.85 17.66 8.98
CA GLY C 11 5.58 18.33 7.71
C GLY C 11 4.15 18.82 7.62
N LEU C 12 3.77 19.35 6.46
CA LEU C 12 2.41 19.83 6.26
C LEU C 12 1.43 18.75 6.71
N PRO C 13 0.37 19.13 7.42
CA PRO C 13 -0.63 18.17 7.89
C PRO C 13 -1.17 17.30 6.77
N GLY C 14 -1.39 17.90 5.61
CA GLY C 14 -1.90 17.16 4.47
C GLY C 14 -0.90 16.12 3.98
N HIS C 15 0.37 16.47 4.05
CA HIS C 15 1.43 15.55 3.62
C HIS C 15 1.47 14.37 4.56
N CYS C 16 1.45 14.65 5.86
CA CYS C 16 1.50 13.61 6.88
C CYS C 16 0.37 12.61 6.70
N LEU C 17 -0.84 13.09 6.44
CA LEU C 17 -1.97 12.20 6.25
C LEU C 17 -1.76 11.30 5.04
N THR C 18 -1.33 11.90 3.93
CA THR C 18 -1.10 11.16 2.69
C THR C 18 -0.10 10.02 2.92
N LEU C 19 0.98 10.31 3.65
CA LEU C 19 2.01 9.32 3.91
C LEU C 19 1.50 8.22 4.84
N LEU C 20 0.66 8.60 5.79
CA LEU C 20 0.09 7.65 6.76
C LEU C 20 -0.88 6.66 6.12
N ALA C 21 -1.68 7.14 5.17
CA ALA C 21 -2.70 6.31 4.51
C ALA C 21 -2.25 4.91 4.08
N PRO C 22 -1.12 4.79 3.34
CA PRO C 22 -0.69 3.47 2.91
C PRO C 22 -0.45 2.45 4.03
N ILE C 23 0.02 2.93 5.19
CA ILE C 23 0.27 2.05 6.35
C ILE C 23 -1.06 1.52 6.88
N LEU C 24 -2.01 2.42 7.13
CA LEU C 24 -3.32 2.06 7.65
C LEU C 24 -4.06 1.17 6.66
N ARG C 25 -3.93 1.47 5.38
CA ARG C 25 -4.58 0.67 4.36
C ARG C 25 -4.05 -0.76 4.41
N GLU C 26 -2.73 -0.92 4.43
CA GLU C 26 -2.15 -2.26 4.49
C GLU C 26 -2.45 -2.92 5.84
N LEU C 27 -2.42 -2.15 6.92
CA LEU C 27 -2.71 -2.75 8.21
C LEU C 27 -4.12 -3.30 8.23
N SER C 28 -5.05 -2.63 7.55
CA SER C 28 -6.44 -3.09 7.56
C SER C 28 -6.64 -4.37 6.76
N GLU C 29 -5.61 -4.80 6.04
CA GLU C 29 -5.70 -6.02 5.24
C GLU C 29 -4.83 -7.15 5.78
N GLU C 30 -4.27 -6.97 6.98
CA GLU C 30 -3.43 -8.01 7.57
C GLU C 30 -4.05 -9.39 7.45
N GLN C 31 -3.23 -10.39 7.13
CA GLN C 31 -3.72 -11.76 6.99
C GLN C 31 -4.32 -12.25 8.29
N ASP C 32 -3.72 -11.84 9.41
CA ASP C 32 -4.22 -12.23 10.73
C ASP C 32 -5.69 -11.87 10.85
N ALA C 33 -6.54 -12.88 11.05
CA ALA C 33 -7.98 -12.69 11.15
C ALA C 33 -8.43 -11.98 12.43
N ARG C 34 -7.97 -10.75 12.59
CA ARG C 34 -8.33 -9.96 13.76
C ARG C 34 -8.55 -8.53 13.30
N TRP C 35 -9.00 -7.68 14.22
CA TRP C 35 -9.25 -6.28 13.89
C TRP C 35 -8.01 -5.41 13.81
N LEU C 36 -8.19 -4.26 13.18
CA LEU C 36 -7.19 -3.22 13.16
C LEU C 36 -7.95 -2.25 14.05
N THR C 37 -7.45 -1.98 15.25
CA THR C 37 -8.15 -1.05 16.14
C THR C 37 -7.41 0.28 16.22
N LEU C 38 -8.16 1.36 15.96
CA LEU C 38 -7.67 2.72 16.00
C LEU C 38 -8.21 3.37 17.26
N ILE C 39 -7.33 3.88 18.11
CA ILE C 39 -7.76 4.50 19.36
C ILE C 39 -7.63 6.03 19.35
N ALA C 40 -8.77 6.70 19.44
CA ALA C 40 -8.81 8.16 19.47
C ALA C 40 -7.83 8.87 18.55
N PRO C 41 -8.01 8.69 17.23
CA PRO C 41 -7.12 9.33 16.27
C PRO C 41 -7.51 10.80 16.18
N PRO C 42 -6.66 11.64 15.56
CA PRO C 42 -6.99 13.06 15.43
C PRO C 42 -8.27 13.31 14.64
N ALA C 43 -8.90 14.44 14.90
CA ALA C 43 -10.15 14.81 14.23
C ALA C 43 -10.06 14.73 12.71
N SER C 44 -8.86 14.92 12.16
CA SER C 44 -8.67 14.86 10.72
C SER C 44 -8.92 13.46 10.15
N LEU C 45 -8.85 12.44 10.99
CA LEU C 45 -9.10 11.08 10.53
C LEU C 45 -10.57 10.72 10.71
N THR C 46 -11.43 11.39 9.95
CA THR C 46 -12.86 11.14 9.98
C THR C 46 -13.15 9.77 9.36
N HIS C 47 -14.38 9.28 9.55
CA HIS C 47 -14.75 8.00 8.96
C HIS C 47 -14.68 8.14 7.45
N GLU C 48 -15.01 9.33 6.97
CA GLU C 48 -14.98 9.61 5.53
C GLU C 48 -13.56 9.52 5.01
N TRP C 49 -12.63 10.12 5.75
CA TRP C 49 -11.22 10.10 5.35
C TRP C 49 -10.68 8.66 5.31
N LEU C 50 -11.08 7.84 6.26
CA LEU C 50 -10.61 6.46 6.31
C LEU C 50 -11.19 5.64 5.17
N ARG C 51 -12.43 5.94 4.79
CA ARG C 51 -13.07 5.22 3.70
C ARG C 51 -12.41 5.65 2.39
N ARG C 52 -12.30 6.94 2.20
CA ARG C 52 -11.68 7.49 1.00
C ARG C 52 -10.20 7.07 0.95
N ALA C 53 -9.65 6.70 2.10
CA ALA C 53 -8.25 6.27 2.16
C ALA C 53 -8.09 4.84 1.70
N GLY C 54 -9.20 4.17 1.41
CA GLY C 54 -9.15 2.80 0.92
C GLY C 54 -9.02 1.66 1.92
N LEU C 55 -9.16 1.96 3.21
CA LEU C 55 -9.04 0.90 4.20
C LEU C 55 -10.17 -0.11 4.07
N ASN C 56 -9.92 -1.35 4.47
CA ASN C 56 -10.94 -2.38 4.41
C ASN C 56 -11.98 -2.01 5.48
N ARG C 57 -13.15 -1.56 5.03
CA ARG C 57 -14.26 -1.14 5.88
C ARG C 57 -14.77 -2.17 6.88
N GLU C 58 -14.58 -3.44 6.55
CA GLU C 58 -15.06 -4.54 7.38
C GLU C 58 -14.05 -5.09 8.37
N ARG C 59 -12.88 -4.48 8.47
CA ARG C 59 -11.88 -5.02 9.37
C ARG C 59 -11.23 -4.01 10.28
N ILE C 60 -11.93 -2.89 10.49
CA ILE C 60 -11.42 -1.83 11.33
C ILE C 60 -12.43 -1.40 12.38
N LEU C 61 -11.92 -1.17 13.58
CA LEU C 61 -12.72 -0.71 14.70
C LEU C 61 -12.09 0.61 15.10
N LEU C 62 -12.90 1.64 15.28
CA LEU C 62 -12.41 2.97 15.67
C LEU C 62 -13.06 3.33 17.00
N LEU C 63 -12.24 3.41 18.04
CA LEU C 63 -12.72 3.74 19.39
C LEU C 63 -12.24 5.12 19.83
N GLN C 64 -13.15 5.93 20.34
CA GLN C 64 -12.78 7.27 20.79
C GLN C 64 -12.49 7.27 22.29
N ALA C 65 -11.90 8.36 22.78
CA ALA C 65 -11.59 8.53 24.19
C ALA C 65 -11.49 10.02 24.47
N LYS C 66 -11.96 10.44 25.64
CA LYS C 66 -11.95 11.85 26.03
C LYS C 66 -10.59 12.56 26.00
N ASP C 67 -9.54 11.88 26.44
CA ASP C 67 -8.20 12.47 26.47
C ASP C 67 -7.09 11.42 26.42
N ASN C 68 -5.84 11.88 26.41
CA ASN C 68 -4.70 10.98 26.35
C ASN C 68 -4.68 9.91 27.42
N ALA C 69 -4.98 10.30 28.66
CA ALA C 69 -4.99 9.36 29.77
C ALA C 69 -5.96 8.21 29.46
N ALA C 70 -7.15 8.55 29.00
CA ALA C 70 -8.16 7.55 28.66
C ALA C 70 -7.72 6.72 27.45
N ALA C 71 -7.21 7.40 26.42
CA ALA C 71 -6.76 6.71 25.21
C ALA C 71 -5.65 5.71 25.53
N LEU C 72 -4.75 6.07 26.44
CA LEU C 72 -3.66 5.16 26.81
C LEU C 72 -4.28 3.92 27.45
N ALA C 73 -5.18 4.14 28.40
CA ALA C 73 -5.83 3.02 29.09
C ALA C 73 -6.62 2.14 28.12
N LEU C 74 -7.33 2.75 27.19
CA LEU C 74 -8.13 2.00 26.23
C LEU C 74 -7.23 1.21 25.25
N SER C 75 -6.07 1.76 24.93
CA SER C 75 -5.13 1.10 24.01
C SER C 75 -4.63 -0.18 24.66
N CYS C 76 -4.20 -0.09 25.90
CA CYS C 76 -3.72 -1.26 26.61
C CYS C 76 -4.81 -2.31 26.79
N GLU C 77 -6.03 -1.87 27.04
CA GLU C 77 -7.10 -2.83 27.21
C GLU C 77 -7.35 -3.52 25.88
N ALA C 78 -7.40 -2.74 24.80
CA ALA C 78 -7.63 -3.30 23.47
C ALA C 78 -6.51 -4.29 23.12
N LEU C 79 -5.27 -3.91 23.39
CA LEU C 79 -4.13 -4.77 23.11
C LEU C 79 -4.25 -6.05 23.95
N ARG C 80 -4.51 -5.86 25.23
CA ARG C 80 -4.64 -6.95 26.19
C ARG C 80 -5.72 -7.96 25.80
N LEU C 81 -6.85 -7.48 25.29
CA LEU C 81 -7.96 -8.37 24.91
C LEU C 81 -7.59 -9.35 23.81
N GLY C 82 -6.56 -9.03 23.04
CA GLY C 82 -6.11 -9.91 21.97
C GLY C 82 -7.04 -10.05 20.78
N ARG C 83 -7.96 -9.10 20.59
CA ARG C 83 -8.89 -9.18 19.48
C ARG C 83 -8.42 -8.40 18.25
N SER C 84 -7.29 -7.72 18.38
CA SER C 84 -6.75 -6.93 17.30
C SER C 84 -5.32 -7.37 16.97
N HIS C 85 -4.96 -7.41 15.69
CA HIS C 85 -3.59 -7.79 15.34
C HIS C 85 -2.74 -6.57 15.62
N THR C 86 -3.37 -5.40 15.50
CA THR C 86 -2.68 -4.14 15.76
C THR C 86 -3.62 -3.14 16.39
N VAL C 87 -3.11 -2.42 17.38
CA VAL C 87 -3.87 -1.38 18.04
C VAL C 87 -3.07 -0.11 17.80
N VAL C 88 -3.65 0.80 17.02
CA VAL C 88 -2.98 2.05 16.69
C VAL C 88 -3.42 3.22 17.59
N SER C 89 -2.43 3.88 18.18
CA SER C 89 -2.64 5.01 19.09
C SER C 89 -2.04 6.28 18.50
N TRP C 90 -2.47 7.43 19.03
CA TRP C 90 -1.97 8.73 18.59
C TRP C 90 -1.71 9.49 19.89
N LEU C 91 -0.72 9.03 20.64
CA LEU C 91 -0.39 9.60 21.94
C LEU C 91 0.92 10.37 21.98
N GLU C 92 0.84 11.62 22.41
CA GLU C 92 1.99 12.50 22.56
C GLU C 92 1.60 13.51 23.62
N PRO C 93 2.43 13.68 24.66
CA PRO C 93 3.69 12.98 24.89
C PRO C 93 3.41 11.56 25.37
N LEU C 94 4.45 10.74 25.42
CA LEU C 94 4.30 9.37 25.87
C LEU C 94 5.50 9.09 26.79
N SER C 95 5.24 8.78 28.05
CA SER C 95 6.31 8.51 29.00
C SER C 95 6.93 7.14 28.82
N ARG C 96 8.10 6.94 29.42
CA ARG C 96 8.81 5.66 29.32
C ARG C 96 7.93 4.56 29.92
N ALA C 97 7.31 4.85 31.06
CA ALA C 97 6.43 3.87 31.71
C ALA C 97 5.22 3.62 30.82
N ALA C 98 4.80 4.64 30.08
CA ALA C 98 3.64 4.48 29.19
C ALA C 98 3.95 3.50 28.06
N ARG C 99 5.11 3.65 27.43
CA ARG C 99 5.52 2.75 26.36
C ARG C 99 5.68 1.33 26.89
N LYS C 100 6.13 1.23 28.14
CA LYS C 100 6.32 -0.06 28.78
C LYS C 100 4.97 -0.74 28.94
N GLN C 101 3.98 0.02 29.42
CA GLN C 101 2.63 -0.52 29.59
C GLN C 101 2.09 -1.02 28.26
N LEU C 102 2.27 -0.22 27.21
CA LEU C 102 1.77 -0.58 25.88
C LEU C 102 2.44 -1.86 25.36
N SER C 103 3.76 -1.96 25.52
CA SER C 103 4.46 -3.14 25.04
C SER C 103 4.10 -4.39 25.84
N ARG C 104 3.74 -4.22 27.11
CA ARG C 104 3.37 -5.36 27.92
C ARG C 104 1.99 -5.84 27.48
N ALA C 105 1.10 -4.89 27.22
CA ALA C 105 -0.25 -5.21 26.79
C ALA C 105 -0.19 -5.92 25.45
N ALA C 106 0.68 -5.45 24.57
CA ALA C 106 0.84 -6.04 23.25
C ALA C 106 1.24 -7.52 23.38
N GLN C 107 2.25 -7.79 24.21
CA GLN C 107 2.69 -9.16 24.42
C GLN C 107 1.57 -10.02 24.99
N LEU C 108 0.85 -9.49 25.98
CA LEU C 108 -0.25 -10.25 26.58
C LEU C 108 -1.31 -10.62 25.55
N GLY C 109 -1.63 -9.68 24.66
CA GLY C 109 -2.62 -9.95 23.64
C GLY C 109 -2.03 -10.52 22.37
N GLN C 110 -0.73 -10.77 22.38
CA GLN C 110 -0.03 -11.31 21.21
C GLN C 110 -0.37 -10.41 20.02
N ALA C 111 -0.24 -9.11 20.24
CA ALA C 111 -0.58 -8.14 19.21
C ALA C 111 0.51 -7.08 19.03
N GLN C 112 0.32 -6.21 18.06
CA GLN C 112 1.28 -5.13 17.82
C GLN C 112 0.72 -3.78 18.26
N SER C 113 1.53 -3.05 19.01
CA SER C 113 1.14 -1.72 19.48
C SER C 113 1.90 -0.72 18.61
N LEU C 114 1.17 0.18 17.97
CA LEU C 114 1.78 1.20 17.11
C LEU C 114 1.30 2.59 17.49
N ASN C 115 2.22 3.43 17.93
CA ASN C 115 1.86 4.79 18.28
C ASN C 115 2.27 5.71 17.15
N ILE C 116 1.40 6.65 16.81
CA ILE C 116 1.64 7.59 15.74
C ILE C 116 1.68 9.03 16.25
N ARG C 117 2.77 9.73 15.93
CA ARG C 117 2.95 11.12 16.35
C ARG C 117 2.91 12.00 15.11
N LEU C 118 1.88 12.82 14.99
CA LEU C 118 1.74 13.71 13.84
C LEU C 118 2.24 15.12 14.14
N GLY C 119 2.71 15.35 15.28
N PRO D 1 1.57 20.95 -2.29
CA PRO D 1 2.75 21.83 -2.47
C PRO D 1 4.07 21.10 -2.21
N ALA D 2 5.00 21.19 -3.16
CA ALA D 2 6.30 20.55 -3.04
C ALA D 2 6.97 21.06 -1.76
N ALA D 3 7.46 20.13 -0.94
CA ALA D 3 8.09 20.51 0.31
C ALA D 3 8.87 19.38 0.96
N PHE D 4 9.28 19.61 2.20
CA PHE D 4 10.05 18.66 2.98
C PHE D 4 9.17 17.99 4.04
N SER D 5 9.30 16.68 4.16
CA SER D 5 8.58 15.91 5.15
C SER D 5 9.60 14.98 5.77
N GLU D 6 9.30 14.47 6.95
CA GLU D 6 10.22 13.55 7.59
C GLU D 6 9.44 12.47 8.29
N LEU D 7 9.88 11.23 8.08
CA LEU D 7 9.25 10.08 8.68
C LEU D 7 10.24 9.38 9.57
N SER D 8 9.83 9.16 10.82
CA SER D 8 10.69 8.49 11.79
C SER D 8 10.00 7.22 12.25
N LEU D 9 10.76 6.14 12.35
CA LEU D 9 10.23 4.86 12.79
C LEU D 9 11.11 4.35 13.92
N SER D 10 10.50 4.03 15.05
CA SER D 10 11.22 3.53 16.20
C SER D 10 10.63 2.20 16.63
N GLY D 11 11.51 1.29 17.02
CA GLY D 11 11.07 -0.04 17.45
C GLY D 11 12.11 -1.04 16.98
N LEU D 12 11.75 -2.31 16.96
CA LEU D 12 12.68 -3.34 16.52
C LEU D 12 12.98 -3.10 15.05
N PRO D 13 14.25 -3.29 14.65
CA PRO D 13 14.65 -3.09 13.25
C PRO D 13 13.74 -3.76 12.21
N GLY D 14 13.36 -5.01 12.48
CA GLY D 14 12.48 -5.71 11.56
C GLY D 14 11.11 -5.04 11.45
N HIS D 15 10.60 -4.53 12.57
CA HIS D 15 9.31 -3.85 12.58
C HIS D 15 9.40 -2.54 11.80
N CYS D 16 10.49 -1.81 11.98
CA CYS D 16 10.66 -0.55 11.28
C CYS D 16 10.69 -0.78 9.76
N LEU D 17 11.31 -1.87 9.34
CA LEU D 17 11.39 -2.21 7.90
C LEU D 17 10.03 -2.56 7.31
N THR D 18 9.29 -3.43 7.98
CA THR D 18 7.99 -3.85 7.48
C THR D 18 6.97 -2.69 7.46
N LEU D 19 7.13 -1.73 8.37
CA LEU D 19 6.23 -0.58 8.39
C LEU D 19 6.60 0.39 7.26
N LEU D 20 7.86 0.37 6.84
CA LEU D 20 8.35 1.23 5.77
C LEU D 20 7.85 0.79 4.40
N ALA D 21 7.89 -0.51 4.17
CA ALA D 21 7.50 -1.14 2.91
C ALA D 21 6.27 -0.59 2.18
N PRO D 22 5.13 -0.50 2.88
CA PRO D 22 3.92 0.01 2.22
C PRO D 22 4.03 1.43 1.67
N ILE D 23 4.84 2.26 2.33
CA ILE D 23 5.02 3.64 1.90
C ILE D 23 5.90 3.70 0.65
N LEU D 24 6.98 2.93 0.68
CA LEU D 24 7.89 2.88 -0.46
C LEU D 24 7.18 2.23 -1.63
N ARG D 25 6.41 1.19 -1.33
CA ARG D 25 5.66 0.47 -2.35
C ARG D 25 4.68 1.45 -3.01
N GLU D 26 3.92 2.18 -2.18
CA GLU D 26 2.95 3.15 -2.66
C GLU D 26 3.66 4.23 -3.48
N LEU D 27 4.74 4.79 -2.93
CA LEU D 27 5.48 5.82 -3.64
C LEU D 27 5.98 5.34 -5.00
N SER D 28 6.45 4.10 -5.07
CA SER D 28 6.96 3.58 -6.33
C SER D 28 5.88 3.53 -7.43
N GLU D 29 4.62 3.61 -7.03
CA GLU D 29 3.53 3.56 -7.99
C GLU D 29 2.88 4.91 -8.28
N GLU D 30 3.48 6.00 -7.79
CA GLU D 30 2.91 7.34 -8.00
C GLU D 30 2.45 7.66 -9.41
N GLN D 31 1.29 8.30 -9.50
CA GLN D 31 0.74 8.67 -10.80
C GLN D 31 1.66 9.61 -11.57
N ASP D 32 2.37 10.49 -10.85
CA ASP D 32 3.31 11.41 -11.49
C ASP D 32 4.37 10.59 -12.22
N ALA D 33 4.36 10.65 -13.55
CA ALA D 33 5.29 9.90 -14.39
C ALA D 33 6.78 10.26 -14.23
N ARG D 34 7.28 10.09 -13.02
CA ARG D 34 8.67 10.37 -12.73
C ARG D 34 9.23 9.29 -11.80
N TRP D 35 10.51 9.38 -11.50
CA TRP D 35 11.16 8.40 -10.66
C TRP D 35 10.90 8.58 -9.18
N LEU D 36 11.11 7.50 -8.45
CA LEU D 36 11.08 7.48 -7.01
C LEU D 36 12.59 7.31 -6.82
N THR D 37 13.25 8.31 -6.26
CA THR D 37 14.69 8.18 -6.07
C THR D 37 15.02 8.03 -4.61
N LEU D 38 15.75 6.95 -4.30
CA LEU D 38 16.18 6.66 -2.95
C LEU D 38 17.67 7.00 -2.89
N ILE D 39 18.07 7.82 -1.92
CA ILE D 39 19.47 8.20 -1.82
C ILE D 39 20.19 7.68 -0.59
N ALA D 40 21.20 6.85 -0.85
CA ALA D 40 22.03 6.26 0.19
C ALA D 40 21.22 5.65 1.33
N PRO D 41 20.30 4.74 1.01
CA PRO D 41 19.49 4.11 2.06
C PRO D 41 20.39 3.17 2.86
N PRO D 42 19.97 2.79 4.07
CA PRO D 42 20.79 1.88 4.89
C PRO D 42 21.04 0.54 4.21
N ALA D 43 22.13 -0.11 4.61
CA ALA D 43 22.54 -1.40 4.07
C ALA D 43 21.40 -2.40 4.06
N SER D 44 20.50 -2.24 5.02
CA SER D 44 19.35 -3.12 5.14
C SER D 44 18.49 -3.12 3.86
N LEU D 45 18.35 -1.96 3.23
CA LEU D 45 17.55 -1.88 2.00
C LEU D 45 18.33 -2.33 0.77
N THR D 46 18.52 -3.64 0.66
CA THR D 46 19.24 -4.21 -0.47
C THR D 46 18.28 -4.24 -1.64
N HIS D 47 18.83 -4.45 -2.84
CA HIS D 47 17.99 -4.53 -4.02
C HIS D 47 17.00 -5.68 -3.86
N GLU D 48 17.42 -6.72 -3.15
CA GLU D 48 16.55 -7.87 -2.93
C GLU D 48 15.38 -7.53 -2.01
N TRP D 49 15.66 -6.79 -0.95
CA TRP D 49 14.59 -6.40 -0.02
C TRP D 49 13.58 -5.55 -0.77
N LEU D 50 14.07 -4.61 -1.56
CA LEU D 50 13.21 -3.70 -2.31
C LEU D 50 12.32 -4.43 -3.30
N ARG D 51 12.85 -5.48 -3.93
CA ARG D 51 12.06 -6.26 -4.87
C ARG D 51 11.05 -7.08 -4.08
N ARG D 52 11.46 -7.65 -2.96
CA ARG D 52 10.54 -8.45 -2.14
C ARG D 52 9.47 -7.55 -1.53
N ALA D 53 9.79 -6.28 -1.29
CA ALA D 53 8.82 -5.35 -0.73
C ALA D 53 7.76 -5.04 -1.79
N GLY D 54 7.95 -5.58 -2.99
CA GLY D 54 7.00 -5.37 -4.06
C GLY D 54 7.01 -4.01 -4.73
N LEU D 55 8.11 -3.26 -4.61
CA LEU D 55 8.15 -1.94 -5.23
C LEU D 55 8.15 -2.10 -6.76
N ASN D 56 7.68 -1.07 -7.46
CA ASN D 56 7.65 -1.09 -8.91
C ASN D 56 9.09 -0.97 -9.42
N ARG D 57 9.63 -2.09 -9.85
CA ARG D 57 11.01 -2.19 -10.34
C ARG D 57 11.36 -1.33 -11.54
N GLU D 58 10.37 -0.79 -12.23
CA GLU D 58 10.66 0.01 -13.40
C GLU D 58 10.60 1.50 -13.11
N ARG D 59 10.25 1.87 -11.88
CA ARG D 59 10.12 3.29 -11.57
C ARG D 59 10.95 3.75 -10.40
N ILE D 60 11.93 2.94 -10.02
CA ILE D 60 12.79 3.27 -8.90
C ILE D 60 14.24 3.41 -9.31
N LEU D 61 14.90 4.39 -8.69
CA LEU D 61 16.31 4.67 -8.93
C LEU D 61 16.92 4.69 -7.53
N LEU D 62 17.97 3.90 -7.34
CA LEU D 62 18.64 3.84 -6.04
C LEU D 62 20.07 4.34 -6.25
N LEU D 63 20.41 5.45 -5.61
CA LEU D 63 21.75 6.02 -5.74
C LEU D 63 22.53 5.92 -4.44
N GLN D 64 23.84 5.75 -4.56
CA GLN D 64 24.70 5.66 -3.38
C GLN D 64 25.47 6.94 -3.15
N ALA D 65 26.01 7.07 -1.95
CA ALA D 65 26.80 8.23 -1.54
C ALA D 65 27.76 7.76 -0.46
N LYS D 66 28.97 8.32 -0.43
CA LYS D 66 29.97 7.92 0.55
C LYS D 66 29.64 8.29 1.99
N ASP D 67 29.03 9.44 2.20
CA ASP D 67 28.68 9.85 3.55
C ASP D 67 27.51 10.84 3.59
N ASN D 68 27.04 11.12 4.81
CA ASN D 68 25.92 12.02 5.02
C ASN D 68 26.03 13.33 4.24
N ALA D 69 27.20 13.95 4.30
CA ALA D 69 27.42 15.20 3.58
C ALA D 69 27.21 14.99 2.08
N ALA D 70 27.70 13.85 1.56
CA ALA D 70 27.55 13.54 0.14
C ALA D 70 26.10 13.19 -0.19
N ALA D 71 25.45 12.46 0.70
CA ALA D 71 24.05 12.08 0.50
C ALA D 71 23.18 13.34 0.48
N LEU D 72 23.53 14.31 1.32
CA LEU D 72 22.76 15.55 1.41
C LEU D 72 22.88 16.34 0.09
N ALA D 73 24.09 16.44 -0.43
CA ALA D 73 24.29 17.16 -1.68
C ALA D 73 23.64 16.39 -2.82
N LEU D 74 23.77 15.07 -2.80
CA LEU D 74 23.17 14.26 -3.86
C LEU D 74 21.64 14.37 -3.79
N SER D 75 21.08 14.41 -2.58
CA SER D 75 19.62 14.53 -2.43
C SER D 75 19.10 15.83 -3.03
N CYS D 76 19.75 16.95 -2.69
CA CYS D 76 19.32 18.24 -3.19
C CYS D 76 19.42 18.29 -4.71
N GLU D 77 20.49 17.68 -5.24
CA GLU D 77 20.70 17.67 -6.68
C GLU D 77 19.60 16.91 -7.42
N ALA D 78 19.28 15.71 -6.94
CA ALA D 78 18.23 14.90 -7.56
C ALA D 78 16.88 15.61 -7.49
N LEU D 79 16.64 16.34 -6.40
CA LEU D 79 15.40 17.09 -6.24
C LEU D 79 15.41 18.24 -7.24
N ARG D 80 16.51 18.98 -7.21
CA ARG D 80 16.75 20.13 -8.07
C ARG D 80 16.48 19.81 -9.55
N LEU D 81 17.07 18.72 -10.03
CA LEU D 81 16.94 18.30 -11.42
C LEU D 81 15.49 18.02 -11.81
N GLY D 82 14.65 17.83 -10.80
CA GLY D 82 13.23 17.59 -11.04
C GLY D 82 12.85 16.37 -11.84
N ARG D 83 13.67 15.32 -11.78
CA ARG D 83 13.34 14.12 -12.54
C ARG D 83 12.64 13.07 -11.66
N SER D 84 12.53 13.35 -10.37
CA SER D 84 11.88 12.44 -9.44
C SER D 84 10.69 13.12 -8.76
N HIS D 85 9.57 12.41 -8.63
CA HIS D 85 8.42 12.99 -7.95
C HIS D 85 8.75 13.01 -6.47
N THR D 86 9.60 12.07 -6.03
CA THR D 86 10.00 12.01 -4.63
C THR D 86 11.44 11.55 -4.48
N VAL D 87 12.21 12.25 -3.65
CA VAL D 87 13.58 11.87 -3.38
C VAL D 87 13.61 11.52 -1.90
N VAL D 88 13.94 10.28 -1.60
CA VAL D 88 13.98 9.80 -0.22
C VAL D 88 15.39 9.72 0.34
N SER D 89 15.61 10.48 1.41
CA SER D 89 16.89 10.55 2.09
C SER D 89 16.80 9.80 3.41
N TRP D 90 17.96 9.40 3.91
CA TRP D 90 18.05 8.71 5.19
C TRP D 90 19.13 9.45 5.98
N LEU D 91 18.90 10.74 6.17
CA LEU D 91 19.85 11.60 6.87
C LEU D 91 19.55 11.83 8.36
N GLU D 92 20.57 11.66 9.19
CA GLU D 92 20.47 11.87 10.61
C GLU D 92 21.89 11.91 11.17
N PRO D 93 22.27 13.03 11.81
CA PRO D 93 21.44 14.22 12.02
C PRO D 93 21.15 15.03 10.75
N LEU D 94 20.11 15.85 10.84
CA LEU D 94 19.70 16.71 9.74
C LEU D 94 19.41 18.06 10.40
N SER D 95 20.19 19.07 10.04
CA SER D 95 20.03 20.40 10.62
C SER D 95 18.92 21.20 9.94
N ARG D 96 18.46 22.24 10.62
CA ARG D 96 17.40 23.08 10.11
C ARG D 96 17.85 23.65 8.77
N ALA D 97 19.15 23.89 8.64
CA ALA D 97 19.73 24.41 7.40
C ALA D 97 19.59 23.37 6.30
N ALA D 98 20.02 22.15 6.59
CA ALA D 98 19.93 21.05 5.63
C ALA D 98 18.48 20.86 5.17
N ARG D 99 17.54 20.96 6.12
CA ARG D 99 16.13 20.83 5.81
C ARG D 99 15.68 21.92 4.86
N LYS D 100 16.20 23.12 5.08
CA LYS D 100 15.85 24.25 4.25
C LYS D 100 16.41 24.01 2.84
N GLN D 101 17.66 23.55 2.80
CA GLN D 101 18.34 23.25 1.55
C GLN D 101 17.53 22.22 0.76
N LEU D 102 17.10 21.15 1.43
CA LEU D 102 16.31 20.10 0.80
C LEU D 102 14.98 20.66 0.34
N SER D 103 14.40 21.54 1.15
CA SER D 103 13.11 22.14 0.82
C SER D 103 13.22 23.02 -0.43
N ARG D 104 14.25 23.85 -0.47
CA ARG D 104 14.46 24.73 -1.60
C ARG D 104 14.66 23.89 -2.86
N ALA D 105 15.51 22.88 -2.77
CA ALA D 105 15.78 22.00 -3.91
C ALA D 105 14.50 21.34 -4.40
N ALA D 106 13.63 20.95 -3.46
CA ALA D 106 12.37 20.31 -3.80
C ALA D 106 11.45 21.24 -4.57
N GLN D 107 11.39 22.50 -4.15
CA GLN D 107 10.54 23.49 -4.81
C GLN D 107 11.01 23.71 -6.25
N LEU D 108 12.32 23.82 -6.42
CA LEU D 108 12.90 24.02 -7.75
C LEU D 108 12.52 22.89 -8.70
N GLY D 109 12.52 21.67 -8.19
CA GLY D 109 12.19 20.53 -9.03
C GLY D 109 10.73 20.13 -9.06
N GLN D 110 9.89 20.89 -8.34
CA GLN D 110 8.46 20.58 -8.26
C GLN D 110 8.33 19.15 -7.79
N ALA D 111 9.11 18.80 -6.77
CA ALA D 111 9.10 17.44 -6.24
C ALA D 111 9.01 17.41 -4.72
N GLN D 112 8.90 16.21 -4.17
CA GLN D 112 8.81 16.03 -2.73
C GLN D 112 10.08 15.49 -2.11
N SER D 113 10.51 16.12 -1.03
CA SER D 113 11.70 15.64 -0.33
C SER D 113 11.20 14.91 0.91
N LEU D 114 11.61 13.65 1.07
CA LEU D 114 11.20 12.85 2.21
C LEU D 114 12.41 12.24 2.89
N ASN D 115 12.61 12.61 4.16
CA ASN D 115 13.73 12.05 4.89
C ASN D 115 13.19 11.01 5.84
N ILE D 116 13.91 9.90 5.95
CA ILE D 116 13.50 8.81 6.81
C ILE D 116 14.57 8.53 7.86
N ARG D 117 14.12 8.33 9.09
CA ARG D 117 15.01 8.05 10.22
C ARG D 117 14.55 6.77 10.88
N LEU D 118 15.47 5.81 11.01
CA LEU D 118 15.16 4.54 11.65
C LEU D 118 15.94 4.45 12.97
N GLY D 119 15.49 3.60 13.88
CA GLY D 119 16.18 3.46 15.15
C GLY D 119 15.32 2.90 16.27
PB GDP E . -53.29 9.86 24.27
O1B GDP E . -52.66 9.92 22.94
O2B GDP E . -52.57 10.53 25.34
O3B GDP E . -54.76 10.30 24.15
O3A GDP E . -53.34 8.27 24.57
PA GDP E . -52.67 7.43 25.76
O1A GDP E . -51.23 7.59 25.62
O2A GDP E . -53.33 7.59 27.07
O5' GDP E . -53.08 6.00 25.19
C5' GDP E . -52.55 5.65 23.93
C4' GDP E . -52.07 4.19 23.89
O4' GDP E . -50.70 4.11 24.26
C3' GDP E . -52.82 3.15 24.73
O3' GDP E . -53.92 2.61 24.01
C2' GDP E . -51.75 2.16 25.19
O2' GDP E . -51.62 1.01 24.37
C1' GDP E . -50.48 2.99 25.14
N9 GDP E . -49.99 3.37 26.49
C8 GDP E . -50.64 3.70 27.66
N7 GDP E . -49.89 3.96 28.68
C5 GDP E . -48.62 3.78 28.18
C6 GDP E . -47.31 3.91 28.82
O6 GDP E . -47.08 4.21 29.97
N1 GDP E . -46.25 3.63 27.94
C2 GDP E . -46.38 3.29 26.60
N2 GDP E . -45.25 3.08 25.91
N3 GDP E . -47.59 3.16 25.99
C4 GDP E . -48.65 3.42 26.83
PB GDP F . 50.96 -12.72 -27.57
O1B GDP F . 49.72 -13.48 -27.47
O2B GDP F . 51.33 -11.98 -26.37
O3B GDP F . 52.09 -13.65 -28.06
O3A GDP F . 50.64 -11.71 -28.77
PA GDP F . 50.55 -10.10 -28.77
O1A GDP F . 49.61 -9.73 -27.69
O2A GDP F . 51.86 -9.44 -28.89
O5' GDP F . 49.77 -9.98 -30.14
C5' GDP F . 48.47 -10.53 -30.21
C4' GDP F . 47.50 -9.66 -31.02
O4' GDP F . 46.85 -8.72 -30.17
C3' GDP F . 48.04 -8.90 -32.21
O3' GDP F . 47.94 -9.68 -33.40
C2' GDP F . 47.29 -7.56 -32.24
O2' GDP F . 46.19 -7.50 -33.14
C1' GDP F . 46.81 -7.42 -30.80
N9 GDP F . 47.53 -6.35 -30.06
C8 GDP F . 48.85 -5.96 -30.07
N7 GDP F . 49.16 -4.95 -29.30
C5 GDP F . 47.93 -4.63 -28.72
C6 GDP F . 47.59 -3.59 -27.77
O6 GDP F . 48.34 -2.75 -27.28
N1 GDP F . 46.23 -3.59 -27.43
C2 GDP F . 45.27 -4.48 -27.92
N2 GDP F . 44.04 -4.31 -27.47
N3 GDP F . 45.58 -5.46 -28.81
C4 GDP F . 46.92 -5.48 -29.17
#